data_7RB6
#
_entry.id   7RB6
#
_cell.length_a   124.800
_cell.length_b   124.800
_cell.length_c   130.169
_cell.angle_alpha   90.00
_cell.angle_beta   90.00
_cell.angle_gamma   120.00
#
_symmetry.space_group_name_H-M   'P 31'
#
loop_
_entity.id
_entity.type
_entity.pdbx_description
1 polymer Acetylcholinesterase
2 non-polymer 4,4-DIHYDROXY-N,N,N-TRIMETHYLPENTAN-1-AMINIUM
3 non-polymer GLYCEROL
4 non-polymer 'NITRATE ION'
5 water water
#
_entity_poly.entity_id   1
_entity_poly.type   'polypeptide(L)'
_entity_poly.pdbx_seq_one_letter_code
;GPLEGREDAELLVTVRGGRLRGIRLKTPGGPVSAFLGIPFAEPPMGPRRFLPPEPKQPWSGVVDATTFQSVCYQYVDTLY
PGFEGTEMWNPNRELSEDCLYLNVWTPYPRPTSPTPVLVWIYGGGFYSGASSLDVYDGRFLVQAERTVLVSMNYRVGAFG
FLALPGSREAPGNVGLLDQRLALQWVQENVAAFGGDPTSVTLFGESAGAASVGMHLLSPPSRGLFHRAVLQSGAPNGPWA
TVGMGEARRRATQLAHLVGCPPGGTGGNDTELVACLRTRPAQVLVNHEWHVLPQESVFRFSFVPVVDGDFLSDTPEALIN
AGDFHGLQVLVGVVKDEGSYFLVYGAPGFSKDNESLISRAEFLAGVRVGVPQVSDLAAEAVVLHYTDWLHPEDPARLREA
LSDVVGDHNVVCPVAQLAGRLAAQGARVYAYVFEHRASTLSWPLWMGVPHGYEIEFIFGIPLDPSRNYTAEEKIFAQRLM
RYWANFARTGDPNEPRDPKAPQWPPYTAGAQQYVSLDLRPLEVRRGLRAQACAFWNRFLPKLLSATDTLD
;
_entity_poly.pdbx_strand_id   A,B
#
# COMPACT_ATOMS: atom_id res chain seq x y z
N GLU A 7 -16.74 -23.70 -36.33
CA GLU A 7 -17.72 -24.23 -35.39
C GLU A 7 -17.15 -24.31 -33.98
N ASP A 8 -17.81 -25.13 -33.15
CA ASP A 8 -17.25 -25.49 -31.85
C ASP A 8 -16.10 -26.50 -31.99
N ALA A 9 -15.94 -27.09 -33.17
CA ALA A 9 -14.82 -28.01 -33.38
C ALA A 9 -13.48 -27.30 -33.33
N GLU A 10 -13.45 -26.02 -33.74
CA GLU A 10 -12.21 -25.25 -33.70
C GLU A 10 -11.80 -24.87 -32.29
N LEU A 11 -12.66 -25.06 -31.30
CA LEU A 11 -12.34 -24.81 -29.90
C LEU A 11 -11.71 -26.01 -29.21
N LEU A 12 -11.42 -27.09 -29.96
CA LEU A 12 -10.79 -28.28 -29.41
C LEU A 12 -9.49 -28.52 -30.16
N VAL A 13 -8.38 -28.53 -29.43
CA VAL A 13 -7.05 -28.66 -30.03
C VAL A 13 -6.24 -29.64 -29.19
N THR A 14 -5.43 -30.45 -29.87
CA THR A 14 -4.51 -31.36 -29.20
C THR A 14 -3.08 -30.87 -29.40
N VAL A 15 -2.36 -30.75 -28.29
CA VAL A 15 -0.94 -30.41 -28.33
C VAL A 15 -0.16 -31.60 -27.78
N ARG A 16 1.17 -31.47 -27.71
CA ARG A 16 2.01 -32.59 -27.34
C ARG A 16 1.75 -33.08 -25.91
N GLY A 17 1.18 -32.22 -25.05
CA GLY A 17 0.92 -32.61 -23.68
C GLY A 17 -0.45 -33.22 -23.46
N GLY A 18 -1.40 -32.89 -24.34
CA GLY A 18 -2.75 -33.38 -24.18
C GLY A 18 -3.71 -32.55 -25.01
N ARG A 19 -4.98 -32.59 -24.61
CA ARG A 19 -6.06 -31.92 -25.31
C ARG A 19 -6.50 -30.69 -24.55
N LEU A 20 -6.98 -29.70 -25.31
CA LEU A 20 -7.41 -28.42 -24.75
C LEU A 20 -8.78 -28.06 -25.29
N ARG A 21 -9.54 -27.30 -24.50
CA ARG A 21 -10.79 -26.70 -24.95
C ARG A 21 -10.67 -25.19 -24.79
N GLY A 22 -10.75 -24.46 -25.90
CA GLY A 22 -10.64 -23.03 -25.90
C GLY A 22 -11.99 -22.35 -25.77
N ILE A 23 -12.00 -21.05 -26.06
CA ILE A 23 -13.19 -20.23 -25.97
C ILE A 23 -13.20 -19.24 -27.14
N ARG A 24 -14.39 -18.94 -27.62
CA ARG A 24 -14.55 -17.98 -28.70
C ARG A 24 -14.78 -16.59 -28.14
N LEU A 25 -14.00 -15.62 -28.60
CA LEU A 25 -14.10 -14.24 -28.16
C LEU A 25 -14.68 -13.38 -29.28
N LYS A 26 -15.52 -12.42 -28.91
CA LYS A 26 -16.19 -11.55 -29.87
C LYS A 26 -15.42 -10.24 -30.03
N THR A 27 -15.34 -9.77 -31.27
CA THR A 27 -14.87 -8.45 -31.61
C THR A 27 -15.85 -7.86 -32.62
N PRO A 28 -15.89 -6.53 -32.76
CA PRO A 28 -16.80 -5.93 -33.75
C PRO A 28 -16.59 -6.44 -35.17
N GLY A 29 -15.42 -7.00 -35.49
CA GLY A 29 -15.15 -7.46 -36.83
C GLY A 29 -15.37 -8.95 -37.04
N GLY A 30 -15.58 -9.69 -35.96
CA GLY A 30 -15.77 -11.11 -36.04
C GLY A 30 -15.12 -11.85 -34.88
N PRO A 31 -15.39 -13.14 -34.76
CA PRO A 31 -14.88 -13.91 -33.62
C PRO A 31 -13.44 -14.34 -33.81
N VAL A 32 -12.80 -14.66 -32.68
CA VAL A 32 -11.49 -15.29 -32.65
C VAL A 32 -11.57 -16.44 -31.66
N SER A 33 -10.62 -17.36 -31.77
CA SER A 33 -10.54 -18.53 -30.90
C SER A 33 -9.34 -18.36 -29.98
N ALA A 34 -9.60 -18.38 -28.67
CA ALA A 34 -8.55 -18.19 -27.67
C ALA A 34 -8.41 -19.45 -26.83
N PHE A 35 -7.17 -19.73 -26.43
CA PHE A 35 -6.83 -20.85 -25.55
C PHE A 35 -6.02 -20.27 -24.40
N LEU A 36 -6.72 -19.94 -23.31
CA LEU A 36 -6.14 -19.21 -22.19
C LEU A 36 -5.85 -20.16 -21.03
N GLY A 37 -4.62 -20.11 -20.54
CA GLY A 37 -4.25 -20.90 -19.39
C GLY A 37 -3.64 -22.24 -19.70
N ILE A 38 -2.93 -22.36 -20.82
CA ILE A 38 -2.26 -23.62 -21.18
C ILE A 38 -1.04 -23.78 -20.30
N PRO A 39 -0.94 -24.86 -19.52
CA PRO A 39 0.29 -25.09 -18.75
C PRO A 39 1.44 -25.49 -19.65
N PHE A 40 2.56 -24.77 -19.51
CA PHE A 40 3.77 -25.11 -20.24
C PHE A 40 4.91 -25.53 -19.32
N ALA A 41 4.71 -25.50 -18.01
CA ALA A 41 5.75 -25.92 -17.08
C ALA A 41 5.11 -26.57 -15.87
N GLU A 42 5.88 -27.43 -15.20
CA GLU A 42 5.48 -27.91 -13.89
C GLU A 42 5.43 -26.74 -12.91
N PRO A 43 4.46 -26.71 -12.01
CA PRO A 43 4.36 -25.60 -11.05
C PRO A 43 5.61 -25.48 -10.22
N PRO A 44 6.30 -24.33 -10.29
CA PRO A 44 7.56 -24.14 -9.53
C PRO A 44 7.30 -23.89 -8.04
N MET A 45 6.79 -24.92 -7.37
CA MET A 45 6.40 -24.82 -5.97
C MET A 45 7.36 -25.60 -5.10
N GLY A 46 7.32 -25.28 -3.80
CA GLY A 46 8.09 -25.97 -2.80
C GLY A 46 9.57 -26.01 -3.09
N PRO A 47 10.12 -27.22 -3.25
CA PRO A 47 11.55 -27.36 -3.54
C PRO A 47 11.97 -26.78 -4.88
N ARG A 48 11.02 -26.49 -5.77
CA ARG A 48 11.34 -25.95 -7.09
C ARG A 48 11.34 -24.43 -7.12
N ARG A 49 11.04 -23.77 -6.00
CA ARG A 49 11.17 -22.32 -5.93
C ARG A 49 12.62 -21.92 -6.17
N PHE A 50 12.82 -20.89 -6.99
CA PHE A 50 14.10 -20.36 -7.43
C PHE A 50 14.83 -21.27 -8.43
N LEU A 51 14.21 -22.35 -8.88
CA LEU A 51 14.85 -23.28 -9.79
C LEU A 51 14.37 -23.05 -11.22
N PRO A 52 15.16 -23.46 -12.21
CA PRO A 52 14.71 -23.33 -13.59
C PRO A 52 13.46 -24.11 -13.82
N PRO A 53 12.64 -23.72 -14.80
CA PRO A 53 11.39 -24.43 -15.05
C PRO A 53 11.63 -25.78 -15.70
N GLU A 54 10.73 -26.71 -15.43
CA GLU A 54 10.70 -27.99 -16.10
C GLU A 54 9.48 -28.08 -17.01
N PRO A 55 9.57 -28.82 -18.12
CA PRO A 55 8.43 -28.91 -19.02
C PRO A 55 7.24 -29.56 -18.34
N LYS A 56 6.05 -29.10 -18.69
CA LYS A 56 4.82 -29.66 -18.15
C LYS A 56 4.65 -31.11 -18.62
N GLN A 57 4.45 -32.02 -17.66
CA GLN A 57 4.23 -33.41 -17.99
C GLN A 57 2.88 -33.60 -18.66
N PRO A 58 2.76 -34.55 -19.60
CA PRO A 58 1.50 -34.73 -20.31
C PRO A 58 0.36 -35.09 -19.37
N TRP A 59 -0.86 -34.71 -19.77
CA TRP A 59 -2.03 -34.84 -18.92
C TRP A 59 -3.10 -35.67 -19.60
N SER A 60 -3.97 -36.25 -18.77
CA SER A 60 -5.13 -36.98 -19.25
C SER A 60 -6.32 -36.05 -19.40
N GLY A 61 -7.22 -36.41 -20.31
CA GLY A 61 -8.43 -35.65 -20.48
C GLY A 61 -8.19 -34.33 -21.21
N VAL A 62 -9.15 -33.42 -21.04
CA VAL A 62 -9.14 -32.13 -21.73
C VAL A 62 -8.92 -31.05 -20.68
N VAL A 63 -7.78 -30.37 -20.78
CA VAL A 63 -7.53 -29.20 -19.93
C VAL A 63 -8.44 -28.07 -20.39
N ASP A 64 -9.10 -27.42 -19.43
CA ASP A 64 -9.97 -26.30 -19.74
C ASP A 64 -9.10 -25.06 -19.99
N ALA A 65 -9.20 -24.50 -21.20
CA ALA A 65 -8.41 -23.34 -21.56
C ALA A 65 -9.32 -22.17 -21.91
N THR A 66 -10.30 -21.89 -21.07
CA THR A 66 -11.31 -20.88 -21.35
C THR A 66 -11.15 -19.61 -20.52
N THR A 67 -10.19 -19.57 -19.60
CA THR A 67 -9.98 -18.38 -18.78
C THR A 67 -8.52 -18.29 -18.40
N PHE A 68 -8.09 -17.07 -18.08
CA PHE A 68 -6.72 -16.84 -17.67
C PHE A 68 -6.41 -17.54 -16.35
N GLN A 69 -5.17 -17.98 -16.21
CA GLN A 69 -4.74 -18.68 -15.00
C GLN A 69 -4.21 -17.67 -13.98
N SER A 70 -3.54 -18.18 -12.95
CA SER A 70 -3.10 -17.36 -11.84
C SER A 70 -1.99 -16.40 -12.25
N VAL A 71 -1.88 -15.30 -11.52
CA VAL A 71 -0.79 -14.35 -11.66
C VAL A 71 0.34 -14.77 -10.74
N CYS A 72 1.58 -14.69 -11.23
CA CYS A 72 2.72 -14.99 -10.39
C CYS A 72 2.80 -13.99 -9.25
N TYR A 73 3.24 -14.48 -8.09
CA TYR A 73 3.32 -13.64 -6.89
C TYR A 73 4.12 -12.39 -7.17
N GLN A 74 3.59 -11.25 -6.75
CA GLN A 74 4.24 -9.97 -7.06
C GLN A 74 3.69 -8.89 -6.14
N TYR A 75 4.49 -7.85 -5.98
CA TYR A 75 4.04 -6.65 -5.27
C TYR A 75 2.89 -6.01 -6.03
N VAL A 76 1.92 -5.47 -5.29
CA VAL A 76 0.76 -4.80 -5.85
C VAL A 76 0.86 -3.32 -5.53
N ASP A 77 0.72 -2.48 -6.56
CA ASP A 77 0.89 -1.05 -6.40
C ASP A 77 -0.24 -0.47 -5.56
N THR A 78 0.12 0.34 -4.55
CA THR A 78 -0.86 0.99 -3.69
C THR A 78 -0.58 2.49 -3.54
N LEU A 79 0.20 3.07 -4.45
CA LEU A 79 0.52 4.50 -4.35
C LEU A 79 -0.75 5.35 -4.52
N TYR A 80 -1.65 4.94 -5.39
CA TYR A 80 -2.90 5.65 -5.64
C TYR A 80 -4.05 4.65 -5.66
N PRO A 81 -4.57 4.29 -4.50
CA PRO A 81 -5.69 3.34 -4.45
C PRO A 81 -6.89 3.83 -5.23
N GLY A 82 -7.50 2.91 -5.98
CA GLY A 82 -8.65 3.21 -6.79
C GLY A 82 -8.36 3.90 -8.11
N PHE A 83 -7.11 4.26 -8.38
CA PHE A 83 -6.77 5.01 -9.58
C PHE A 83 -6.61 4.07 -10.76
N GLU A 84 -7.20 4.45 -11.90
CA GLU A 84 -7.13 3.60 -13.09
C GLU A 84 -5.71 3.51 -13.63
N GLY A 85 -4.97 4.62 -13.60
CA GLY A 85 -3.66 4.65 -14.21
C GLY A 85 -2.66 3.70 -13.60
N THR A 86 -2.85 3.36 -12.31
CA THR A 86 -1.98 2.40 -11.64
C THR A 86 -2.58 1.01 -11.58
N GLU A 87 -3.87 0.89 -11.30
CA GLU A 87 -4.48 -0.43 -11.10
C GLU A 87 -4.68 -1.20 -12.39
N MET A 88 -4.56 -0.54 -13.56
CA MET A 88 -4.63 -1.28 -14.82
C MET A 88 -3.45 -2.23 -14.99
N TRP A 89 -2.37 -2.02 -14.22
CA TRP A 89 -1.20 -2.87 -14.26
C TRP A 89 -1.14 -3.87 -13.12
N ASN A 90 -2.02 -3.73 -12.13
CA ASN A 90 -2.05 -4.63 -10.98
C ASN A 90 -2.66 -5.98 -11.38
N PRO A 91 -2.38 -7.03 -10.61
CA PRO A 91 -2.93 -8.35 -10.94
C PRO A 91 -4.45 -8.34 -10.96
N ASN A 92 -5.01 -8.98 -11.99
CA ASN A 92 -6.45 -9.14 -12.13
C ASN A 92 -6.89 -10.60 -11.96
N ARG A 93 -5.97 -11.48 -11.55
CA ARG A 93 -6.29 -12.82 -11.10
C ARG A 93 -5.56 -13.06 -9.78
N GLU A 94 -5.95 -14.13 -9.08
CA GLU A 94 -5.36 -14.41 -7.78
C GLU A 94 -3.87 -14.75 -7.92
N LEU A 95 -3.11 -14.41 -6.90
CA LEU A 95 -1.68 -14.69 -6.89
C LEU A 95 -1.41 -16.14 -6.52
N SER A 96 -0.37 -16.70 -7.13
CA SER A 96 0.06 -18.06 -6.86
C SER A 96 1.41 -18.29 -7.49
N GLU A 97 2.22 -19.12 -6.85
CA GLU A 97 3.45 -19.61 -7.49
C GLU A 97 3.15 -20.58 -8.61
N ASP A 98 1.99 -21.24 -8.58
CA ASP A 98 1.49 -22.05 -9.68
C ASP A 98 0.99 -21.08 -10.75
N CYS A 99 1.90 -20.62 -11.60
CA CYS A 99 1.60 -19.50 -12.48
C CYS A 99 2.15 -19.61 -13.90
N LEU A 100 2.83 -20.70 -14.25
CA LEU A 100 3.49 -20.81 -15.55
C LEU A 100 2.50 -21.36 -16.57
N TYR A 101 1.68 -20.46 -17.10
CA TYR A 101 0.71 -20.77 -18.14
C TYR A 101 0.85 -19.76 -19.27
N LEU A 102 0.49 -20.17 -20.48
CA LEU A 102 0.54 -19.29 -21.64
C LEU A 102 -0.82 -19.30 -22.33
N ASN A 103 -0.99 -18.34 -23.26
CA ASN A 103 -2.24 -18.14 -23.96
C ASN A 103 -1.97 -18.05 -25.46
N VAL A 104 -2.92 -18.57 -26.24
CA VAL A 104 -2.82 -18.58 -27.69
C VAL A 104 -4.11 -18.03 -28.27
N TRP A 105 -4.02 -16.92 -28.98
CA TRP A 105 -5.10 -16.40 -29.78
C TRP A 105 -4.86 -16.79 -31.24
N THR A 106 -5.92 -17.23 -31.92
CA THR A 106 -5.83 -17.63 -33.31
C THR A 106 -7.10 -17.22 -34.03
N PRO A 107 -7.02 -16.87 -35.30
CA PRO A 107 -8.21 -16.36 -36.00
C PRO A 107 -9.24 -17.44 -36.24
N TYR A 108 -10.47 -16.98 -36.44
CA TYR A 108 -11.61 -17.78 -36.83
C TYR A 108 -12.08 -17.36 -38.24
N PRO A 109 -12.13 -18.28 -39.24
CA PRO A 109 -11.74 -19.69 -39.15
C PRO A 109 -10.23 -19.88 -38.99
N ARG A 110 -9.83 -21.00 -38.38
CA ARG A 110 -8.42 -21.26 -38.17
C ARG A 110 -7.67 -21.22 -39.50
N PRO A 111 -6.49 -20.60 -39.54
CA PRO A 111 -5.75 -20.55 -40.81
C PRO A 111 -5.40 -21.95 -41.30
N THR A 112 -5.54 -22.14 -42.61
CA THR A 112 -5.19 -23.40 -43.24
C THR A 112 -3.74 -23.44 -43.70
N SER A 113 -3.11 -22.29 -43.87
CA SER A 113 -1.70 -22.11 -44.17
C SER A 113 -0.96 -21.61 -42.95
N PRO A 114 0.33 -21.97 -42.80
CA PRO A 114 1.10 -21.47 -41.66
C PRO A 114 1.12 -19.95 -41.62
N THR A 115 0.89 -19.40 -40.43
CA THR A 115 0.72 -17.97 -40.22
C THR A 115 1.80 -17.43 -39.30
N PRO A 116 2.34 -16.24 -39.56
CA PRO A 116 3.32 -15.65 -38.65
C PRO A 116 2.77 -15.52 -37.24
N VAL A 117 3.65 -15.72 -36.26
CA VAL A 117 3.28 -15.78 -34.85
C VAL A 117 3.89 -14.58 -34.14
N LEU A 118 3.08 -13.88 -33.35
CA LEU A 118 3.54 -12.82 -32.48
C LEU A 118 3.55 -13.33 -31.04
N VAL A 119 4.63 -13.07 -30.32
CA VAL A 119 4.80 -13.52 -28.95
C VAL A 119 5.01 -12.30 -28.06
N TRP A 120 4.13 -12.11 -27.09
CA TRP A 120 4.14 -10.95 -26.21
C TRP A 120 4.80 -11.29 -24.89
N ILE A 121 5.74 -10.44 -24.46
CA ILE A 121 6.38 -10.55 -23.16
C ILE A 121 6.09 -9.27 -22.40
N TYR A 122 5.25 -9.35 -21.38
CA TYR A 122 4.83 -8.15 -20.65
C TYR A 122 6.00 -7.56 -19.87
N GLY A 123 5.89 -6.26 -19.61
CA GLY A 123 6.85 -5.56 -18.77
C GLY A 123 6.38 -5.48 -17.33
N GLY A 124 7.07 -4.65 -16.56
CA GLY A 124 6.77 -4.48 -15.15
C GLY A 124 8.00 -4.48 -14.28
N GLY A 125 9.12 -4.00 -14.84
CA GLY A 125 10.36 -3.88 -14.07
C GLY A 125 10.87 -5.17 -13.51
N PHE A 126 10.50 -6.31 -14.10
CA PHE A 126 10.85 -7.65 -13.64
C PHE A 126 10.30 -7.97 -12.25
N TYR A 127 9.42 -7.13 -11.70
CA TYR A 127 8.82 -7.39 -10.40
C TYR A 127 7.30 -7.55 -10.45
N SER A 128 6.67 -7.28 -11.58
CA SER A 128 5.22 -7.36 -11.68
C SER A 128 4.84 -7.67 -13.12
N GLY A 129 3.54 -7.76 -13.37
CA GLY A 129 3.04 -8.02 -14.70
C GLY A 129 2.29 -9.33 -14.81
N ALA A 130 1.45 -9.44 -15.82
CA ALA A 130 0.69 -10.67 -16.07
C ALA A 130 0.16 -10.62 -17.49
N SER A 131 0.06 -11.81 -18.11
CA SER A 131 -0.49 -11.91 -19.45
C SER A 131 -2.00 -11.71 -19.47
N SER A 132 -2.64 -11.67 -18.31
CA SER A 132 -4.10 -11.58 -18.22
C SER A 132 -4.61 -10.14 -18.18
N LEU A 133 -3.72 -9.15 -18.16
CA LEU A 133 -4.16 -7.76 -18.08
C LEU A 133 -5.04 -7.40 -19.27
N ASP A 134 -6.08 -6.61 -19.00
CA ASP A 134 -7.03 -6.23 -20.06
C ASP A 134 -6.32 -5.57 -21.23
N VAL A 135 -5.30 -4.76 -20.95
CA VAL A 135 -4.59 -4.02 -22.00
C VAL A 135 -3.78 -4.93 -22.90
N TYR A 136 -3.57 -6.19 -22.53
CA TYR A 136 -2.87 -7.15 -23.36
C TYR A 136 -3.82 -8.09 -24.10
N ASP A 137 -5.12 -7.77 -24.15
CA ASP A 137 -6.09 -8.61 -24.84
C ASP A 137 -5.77 -8.68 -26.32
N GLY A 138 -5.50 -9.88 -26.81
CA GLY A 138 -5.06 -10.08 -28.18
C GLY A 138 -6.15 -10.38 -29.19
N ARG A 139 -7.43 -10.19 -28.83
CA ARG A 139 -8.49 -10.54 -29.76
C ARG A 139 -8.56 -9.58 -30.94
N PHE A 140 -8.26 -8.30 -30.72
CA PHE A 140 -8.40 -7.32 -31.79
C PHE A 140 -7.25 -7.39 -32.78
N LEU A 141 -6.03 -7.62 -32.28
CA LEU A 141 -4.89 -7.76 -33.18
C LEU A 141 -5.00 -9.00 -34.04
N VAL A 142 -5.48 -10.11 -33.47
CA VAL A 142 -5.59 -11.35 -34.23
C VAL A 142 -6.74 -11.27 -35.23
N GLN A 143 -7.84 -10.62 -34.85
CA GLN A 143 -8.96 -10.49 -35.78
C GLN A 143 -8.58 -9.60 -36.95
N ALA A 144 -8.01 -8.43 -36.66
CA ALA A 144 -7.77 -7.43 -37.71
C ALA A 144 -6.67 -7.85 -38.67
N GLU A 145 -5.64 -8.55 -38.18
CA GLU A 145 -4.47 -8.86 -38.99
C GLU A 145 -4.27 -10.34 -39.25
N ARG A 146 -5.11 -11.20 -38.67
CA ARG A 146 -5.11 -12.64 -38.96
C ARG A 146 -3.72 -13.25 -38.75
N THR A 147 -3.10 -12.90 -37.63
CA THR A 147 -1.89 -13.54 -37.16
C THR A 147 -2.20 -14.38 -35.93
N VAL A 148 -1.21 -15.14 -35.48
CA VAL A 148 -1.32 -15.93 -34.26
C VAL A 148 -0.55 -15.22 -33.16
N LEU A 149 -1.21 -14.99 -32.03
CA LEU A 149 -0.63 -14.26 -30.90
C LEU A 149 -0.47 -15.21 -29.72
N VAL A 150 0.71 -15.20 -29.12
CA VAL A 150 1.01 -15.99 -27.93
C VAL A 150 1.53 -15.05 -26.86
N SER A 151 1.11 -15.29 -25.60
CA SER A 151 1.63 -14.56 -24.47
C SER A 151 1.75 -15.52 -23.29
N MET A 152 2.81 -15.36 -22.50
CA MET A 152 3.09 -16.26 -21.40
C MET A 152 3.28 -15.49 -20.10
N ASN A 153 3.10 -16.20 -18.99
CA ASN A 153 3.48 -15.69 -17.68
C ASN A 153 4.88 -16.18 -17.35
N TYR A 154 5.64 -15.32 -16.66
CA TYR A 154 6.96 -15.70 -16.19
C TYR A 154 7.15 -15.16 -14.78
N ARG A 155 7.92 -15.89 -13.98
CA ARG A 155 8.13 -15.53 -12.59
C ARG A 155 8.84 -14.18 -12.49
N VAL A 156 8.33 -13.31 -11.63
CA VAL A 156 8.89 -12.00 -11.41
C VAL A 156 9.32 -11.89 -9.95
N GLY A 157 9.99 -10.78 -9.63
CA GLY A 157 10.45 -10.55 -8.28
C GLY A 157 11.50 -11.58 -7.86
N ALA A 158 11.52 -11.87 -6.56
CA ALA A 158 12.48 -12.84 -6.04
C ALA A 158 12.26 -14.22 -6.64
N PHE A 159 11.00 -14.59 -6.91
CA PHE A 159 10.69 -15.91 -7.44
C PHE A 159 11.26 -16.11 -8.84
N GLY A 160 11.52 -15.04 -9.58
CA GLY A 160 12.07 -15.17 -10.90
C GLY A 160 13.53 -14.76 -11.04
N PHE A 161 14.02 -13.91 -10.13
CA PHE A 161 15.33 -13.32 -10.34
C PHE A 161 16.17 -13.16 -9.07
N LEU A 162 15.76 -13.74 -7.95
CA LEU A 162 16.67 -13.83 -6.81
C LEU A 162 17.83 -14.73 -7.19
N ALA A 163 19.05 -14.24 -6.97
CA ALA A 163 20.23 -14.96 -7.44
C ALA A 163 21.30 -14.96 -6.36
N LEU A 164 21.77 -16.17 -6.02
CA LEU A 164 23.03 -16.36 -5.31
C LEU A 164 23.98 -16.97 -6.34
N PRO A 165 24.71 -16.16 -7.11
CA PRO A 165 25.42 -16.68 -8.28
C PRO A 165 26.43 -17.76 -7.91
N GLY A 166 26.56 -18.73 -8.81
CA GLY A 166 27.38 -19.90 -8.59
C GLY A 166 26.65 -21.05 -7.92
N SER A 167 25.63 -20.76 -7.14
CA SER A 167 24.87 -21.81 -6.47
C SER A 167 23.95 -22.52 -7.46
N ARG A 168 23.60 -23.75 -7.12
CA ARG A 168 22.64 -24.51 -7.90
C ARG A 168 21.23 -24.45 -7.34
N GLU A 169 21.05 -23.94 -6.12
CA GLU A 169 19.73 -23.82 -5.53
C GLU A 169 19.01 -22.54 -5.96
N ALA A 170 19.77 -21.50 -6.29
CA ALA A 170 19.19 -20.23 -6.75
C ALA A 170 20.13 -19.62 -7.78
N PRO A 171 20.16 -20.16 -9.00
CA PRO A 171 21.10 -19.66 -10.00
C PRO A 171 20.74 -18.29 -10.55
N GLY A 172 19.49 -17.88 -10.46
CA GLY A 172 19.05 -16.63 -11.04
C GLY A 172 18.60 -16.78 -12.48
N ASN A 173 17.95 -15.72 -12.98
CA ASN A 173 17.46 -15.63 -14.35
C ASN A 173 16.41 -16.68 -14.68
N VAL A 174 15.85 -17.36 -13.67
CA VAL A 174 14.87 -18.39 -13.96
C VAL A 174 13.61 -17.81 -14.59
N GLY A 175 13.33 -16.53 -14.35
CA GLY A 175 12.21 -15.91 -15.04
C GLY A 175 12.45 -15.78 -16.54
N LEU A 176 13.71 -15.55 -16.93
CA LEU A 176 14.05 -15.56 -18.35
C LEU A 176 13.97 -16.97 -18.92
N LEU A 177 14.33 -17.99 -18.13
CA LEU A 177 14.18 -19.37 -18.57
C LEU A 177 12.71 -19.75 -18.70
N ASP A 178 11.84 -19.19 -17.85
CA ASP A 178 10.40 -19.37 -18.04
C ASP A 178 9.97 -18.91 -19.44
N GLN A 179 10.44 -17.73 -19.85
CA GLN A 179 10.10 -17.22 -21.18
C GLN A 179 10.68 -18.11 -22.28
N ARG A 180 11.89 -18.62 -22.08
CA ARG A 180 12.51 -19.48 -23.08
C ARG A 180 11.72 -20.78 -23.24
N LEU A 181 11.30 -21.38 -22.12
CA LEU A 181 10.52 -22.61 -22.19
C LEU A 181 9.21 -22.37 -22.93
N ALA A 182 8.60 -21.21 -22.74
CA ALA A 182 7.40 -20.87 -23.50
C ALA A 182 7.70 -20.71 -24.99
N LEU A 183 8.93 -20.28 -25.32
CA LEU A 183 9.30 -20.18 -26.74
C LEU A 183 9.54 -21.55 -27.34
N GLN A 184 10.14 -22.47 -26.56
CA GLN A 184 10.26 -23.84 -27.01
C GLN A 184 8.89 -24.49 -27.17
N TRP A 185 7.94 -24.13 -26.29
CA TRP A 185 6.58 -24.64 -26.42
C TRP A 185 5.95 -24.16 -27.72
N VAL A 186 6.19 -22.90 -28.09
CA VAL A 186 5.65 -22.37 -29.33
C VAL A 186 6.23 -23.11 -30.53
N GLN A 187 7.52 -23.44 -30.47
CA GLN A 187 8.15 -24.16 -31.56
C GLN A 187 7.51 -25.53 -31.76
N GLU A 188 7.10 -26.17 -30.67
CA GLU A 188 6.62 -27.55 -30.72
C GLU A 188 5.10 -27.66 -30.87
N ASN A 189 4.35 -26.58 -30.66
CA ASN A 189 2.90 -26.71 -30.62
C ASN A 189 2.12 -25.63 -31.36
N VAL A 190 2.74 -24.52 -31.78
CA VAL A 190 1.96 -23.45 -32.38
C VAL A 190 1.40 -23.84 -33.74
N ALA A 191 1.95 -24.90 -34.36
CA ALA A 191 1.41 -25.36 -35.64
C ALA A 191 0.02 -25.95 -35.48
N ALA A 192 -0.28 -26.52 -34.31
CA ALA A 192 -1.61 -27.06 -34.06
C ALA A 192 -2.69 -25.98 -34.08
N PHE A 193 -2.31 -24.72 -33.91
CA PHE A 193 -3.25 -23.60 -33.99
C PHE A 193 -3.21 -22.90 -35.33
N GLY A 194 -2.41 -23.39 -36.28
CA GLY A 194 -2.26 -22.74 -37.56
C GLY A 194 -1.14 -21.72 -37.64
N GLY A 195 -0.18 -21.76 -36.72
CA GLY A 195 0.90 -20.80 -36.68
C GLY A 195 2.19 -21.36 -37.24
N ASP A 196 2.98 -20.48 -37.85
CA ASP A 196 4.23 -20.87 -38.49
C ASP A 196 5.36 -20.79 -37.47
N PRO A 197 5.92 -21.90 -37.00
CA PRO A 197 7.07 -21.83 -36.09
C PRO A 197 8.35 -21.31 -36.73
N THR A 198 8.37 -21.10 -38.05
CA THR A 198 9.52 -20.52 -38.73
C THR A 198 9.40 -19.02 -38.90
N SER A 199 8.32 -18.40 -38.41
CA SER A 199 8.10 -16.96 -38.49
C SER A 199 7.55 -16.48 -37.14
N VAL A 200 8.40 -16.48 -36.12
CA VAL A 200 8.03 -16.08 -34.76
C VAL A 200 8.65 -14.71 -34.48
N THR A 201 7.81 -13.74 -34.12
CA THR A 201 8.23 -12.38 -33.83
C THR A 201 7.97 -12.07 -32.36
N LEU A 202 9.04 -11.84 -31.60
CA LEU A 202 8.90 -11.42 -30.22
C LEU A 202 8.64 -9.92 -30.14
N PHE A 203 7.77 -9.53 -29.20
CA PHE A 203 7.61 -8.12 -28.90
C PHE A 203 7.20 -7.95 -27.44
N GLY A 204 7.72 -6.89 -26.83
CA GLY A 204 7.50 -6.63 -25.42
C GLY A 204 7.77 -5.18 -25.12
N GLU A 205 7.35 -4.76 -23.92
CA GLU A 205 7.48 -3.38 -23.49
C GLU A 205 8.21 -3.33 -22.16
N SER A 206 8.97 -2.25 -21.95
CA SER A 206 9.75 -2.05 -20.73
C SER A 206 10.62 -3.27 -20.42
N ALA A 207 10.37 -3.92 -19.28
CA ALA A 207 11.13 -5.11 -18.94
C ALA A 207 10.91 -6.23 -19.94
N GLY A 208 9.76 -6.23 -20.63
CA GLY A 208 9.55 -7.19 -21.69
C GLY A 208 10.43 -6.91 -22.90
N ALA A 209 10.61 -5.63 -23.22
CA ALA A 209 11.55 -5.26 -24.28
C ALA A 209 12.99 -5.62 -23.90
N ALA A 210 13.38 -5.34 -22.65
CA ALA A 210 14.66 -5.82 -22.16
C ALA A 210 14.74 -7.34 -22.22
N SER A 211 13.63 -8.03 -21.98
CA SER A 211 13.61 -9.49 -22.12
C SER A 211 13.86 -9.91 -23.55
N VAL A 212 13.18 -9.27 -24.51
CA VAL A 212 13.39 -9.56 -25.92
C VAL A 212 14.85 -9.33 -26.29
N GLY A 213 15.45 -8.25 -25.78
CA GLY A 213 16.84 -7.98 -26.08
C GLY A 213 17.78 -9.04 -25.53
N MET A 214 17.50 -9.53 -24.32
CA MET A 214 18.33 -10.56 -23.74
C MET A 214 18.18 -11.91 -24.44
N HIS A 215 17.05 -12.16 -25.10
CA HIS A 215 16.92 -13.37 -25.89
C HIS A 215 17.70 -13.26 -27.20
N LEU A 216 17.86 -12.04 -27.72
CA LEU A 216 18.73 -11.83 -28.88
C LEU A 216 20.18 -12.15 -28.54
N LEU A 217 20.61 -11.84 -27.32
CA LEU A 217 21.99 -12.00 -26.90
C LEU A 217 22.26 -13.34 -26.22
N SER A 218 21.26 -14.22 -26.15
CA SER A 218 21.45 -15.56 -25.59
C SER A 218 21.31 -16.59 -26.70
N PRO A 219 22.38 -17.31 -27.02
CA PRO A 219 22.34 -18.27 -28.15
C PRO A 219 21.23 -19.31 -28.00
N PRO A 220 21.05 -19.95 -26.83
CA PRO A 220 20.00 -20.98 -26.75
C PRO A 220 18.60 -20.47 -27.05
N SER A 221 18.34 -19.18 -26.90
CA SER A 221 17.04 -18.60 -27.23
C SER A 221 16.99 -18.02 -28.63
N ARG A 222 18.13 -17.67 -29.22
CA ARG A 222 18.15 -17.00 -30.51
C ARG A 222 17.54 -17.87 -31.60
N GLY A 223 17.67 -19.19 -31.48
CA GLY A 223 17.08 -20.09 -32.46
C GLY A 223 15.58 -20.26 -32.39
N LEU A 224 14.94 -19.71 -31.36
CA LEU A 224 13.51 -19.89 -31.15
C LEU A 224 12.66 -18.78 -31.74
N PHE A 225 13.27 -17.78 -32.38
CA PHE A 225 12.53 -16.69 -32.98
C PHE A 225 13.37 -16.09 -34.10
N HIS A 226 12.77 -15.16 -34.83
CA HIS A 226 13.39 -14.66 -36.05
C HIS A 226 13.39 -13.15 -36.13
N ARG A 227 12.43 -12.50 -35.46
CA ARG A 227 12.35 -11.05 -35.45
C ARG A 227 12.09 -10.57 -34.03
N ALA A 228 12.33 -9.28 -33.79
CA ALA A 228 12.26 -8.72 -32.46
C ALA A 228 11.67 -7.32 -32.50
N VAL A 229 10.88 -6.98 -31.49
CA VAL A 229 10.34 -5.64 -31.31
C VAL A 229 10.58 -5.24 -29.86
N LEU A 230 11.27 -4.12 -29.65
CA LEU A 230 11.60 -3.61 -28.33
C LEU A 230 10.90 -2.28 -28.14
N GLN A 231 9.86 -2.26 -27.29
CA GLN A 231 9.08 -1.06 -27.03
C GLN A 231 9.48 -0.49 -25.67
N SER A 232 10.12 0.68 -25.69
CA SER A 232 10.48 1.42 -24.48
C SER A 232 11.29 0.57 -23.51
N GLY A 233 12.33 -0.08 -24.03
CA GLY A 233 13.17 -0.90 -23.18
C GLY A 233 14.30 -1.52 -23.98
N ALA A 234 15.38 -1.84 -23.27
CA ALA A 234 16.57 -2.43 -23.87
C ALA A 234 17.32 -3.19 -22.80
N PRO A 235 18.04 -4.25 -23.16
CA PRO A 235 18.79 -5.00 -22.15
C PRO A 235 19.97 -4.25 -21.57
N ASN A 236 20.45 -3.20 -22.23
CA ASN A 236 21.60 -2.43 -21.76
C ASN A 236 21.21 -1.28 -20.84
N GLY A 237 19.93 -1.15 -20.50
CA GLY A 237 19.50 -0.14 -19.56
C GLY A 237 20.15 -0.29 -18.20
N PRO A 238 20.34 0.82 -17.49
CA PRO A 238 20.96 0.76 -16.15
C PRO A 238 20.11 0.06 -15.11
N TRP A 239 18.87 -0.33 -15.45
CA TRP A 239 17.98 -1.00 -14.52
C TRP A 239 17.73 -2.46 -14.86
N ALA A 240 18.08 -2.90 -16.08
CA ALA A 240 17.67 -4.20 -16.57
C ALA A 240 18.57 -5.34 -16.12
N THR A 241 19.79 -5.05 -15.67
CA THR A 241 20.70 -6.07 -15.20
C THR A 241 21.34 -5.63 -13.89
N VAL A 242 22.01 -6.58 -13.24
CA VAL A 242 22.69 -6.31 -11.98
C VAL A 242 23.92 -7.21 -11.90
N GLY A 243 24.92 -6.76 -11.15
CA GLY A 243 26.13 -7.53 -10.99
C GLY A 243 25.98 -8.70 -10.04
N MET A 244 26.90 -9.65 -10.16
CA MET A 244 26.85 -10.84 -9.32
C MET A 244 26.99 -10.48 -7.83
N GLY A 245 27.90 -9.57 -7.50
CA GLY A 245 28.08 -9.20 -6.11
C GLY A 245 26.88 -8.47 -5.54
N GLU A 246 26.25 -7.62 -6.35
CA GLU A 246 25.09 -6.88 -5.85
C GLU A 246 23.86 -7.78 -5.76
N ALA A 247 23.71 -8.72 -6.69
CA ALA A 247 22.61 -9.67 -6.61
C ALA A 247 22.71 -10.54 -5.37
N ARG A 248 23.94 -10.94 -5.01
CA ARG A 248 24.13 -11.72 -3.80
C ARG A 248 23.79 -10.92 -2.56
N ARG A 249 24.13 -9.62 -2.56
CA ARG A 249 23.83 -8.80 -1.39
C ARG A 249 22.33 -8.61 -1.23
N ARG A 250 21.61 -8.39 -2.34
CA ARG A 250 20.17 -8.21 -2.26
C ARG A 250 19.46 -9.48 -1.81
N ALA A 251 19.92 -10.64 -2.32
CA ALA A 251 19.32 -11.90 -1.89
C ALA A 251 19.60 -12.16 -0.41
N THR A 252 20.77 -11.77 0.07
CA THR A 252 21.11 -12.04 1.46
C THR A 252 20.33 -11.14 2.41
N GLN A 253 20.09 -9.88 2.03
CA GLN A 253 19.33 -9.00 2.90
C GLN A 253 17.85 -9.36 2.91
N LEU A 254 17.31 -9.82 1.77
CA LEU A 254 15.94 -10.33 1.78
C LEU A 254 15.82 -11.50 2.74
N ALA A 255 16.78 -12.42 2.69
CA ALA A 255 16.78 -13.53 3.64
C ALA A 255 16.85 -13.03 5.07
N HIS A 256 17.68 -12.01 5.32
CA HIS A 256 17.78 -11.45 6.66
C HIS A 256 16.46 -10.84 7.12
N LEU A 257 15.77 -10.14 6.22
CA LEU A 257 14.52 -9.48 6.59
C LEU A 257 13.40 -10.47 6.90
N VAL A 258 13.50 -11.71 6.42
CA VAL A 258 12.50 -12.73 6.70
C VAL A 258 13.03 -13.78 7.67
N GLY A 259 14.14 -13.48 8.37
CA GLY A 259 14.62 -14.38 9.39
C GLY A 259 15.47 -15.53 8.90
N CYS A 260 16.14 -15.40 7.76
CA CYS A 260 17.03 -16.43 7.26
C CYS A 260 18.45 -15.88 7.23
N PRO A 261 19.45 -16.61 7.75
CA PRO A 261 19.27 -17.91 8.42
C PRO A 261 18.83 -17.74 9.88
N PRO A 262 18.22 -18.78 10.45
CA PRO A 262 17.80 -18.70 11.86
C PRO A 262 19.01 -18.60 12.78
N GLY A 263 19.00 -17.60 13.64
CA GLY A 263 20.11 -17.41 14.56
C GLY A 263 20.12 -18.48 15.63
N GLY A 264 21.29 -19.05 15.91
CA GLY A 264 22.50 -18.67 15.21
C GLY A 264 23.12 -19.83 14.45
N THR A 265 22.63 -20.08 13.25
CA THR A 265 23.11 -21.15 12.39
C THR A 265 23.91 -20.57 11.23
N GLY A 266 24.60 -21.45 10.51
CA GLY A 266 25.44 -21.02 9.41
C GLY A 266 24.65 -20.38 8.29
N GLY A 267 25.38 -19.88 7.30
CA GLY A 267 24.73 -19.17 6.21
C GLY A 267 25.34 -19.35 4.83
N ASN A 268 25.72 -20.58 4.47
CA ASN A 268 26.11 -20.80 3.09
C ASN A 268 24.87 -20.81 2.21
N ASP A 269 25.10 -20.88 0.89
CA ASP A 269 24.02 -20.65 -0.07
C ASP A 269 22.92 -21.71 0.04
N THR A 270 23.28 -22.95 0.39
CA THR A 270 22.29 -24.01 0.40
C THR A 270 21.31 -23.84 1.57
N GLU A 271 21.84 -23.55 2.77
CA GLU A 271 20.94 -23.37 3.90
C GLU A 271 20.18 -22.05 3.81
N LEU A 272 20.74 -21.05 3.11
CA LEU A 272 20.05 -19.79 2.92
C LEU A 272 18.80 -19.97 2.05
N VAL A 273 18.95 -20.67 0.92
CA VAL A 273 17.80 -20.93 0.06
C VAL A 273 16.83 -21.90 0.73
N ALA A 274 17.34 -22.85 1.52
CA ALA A 274 16.46 -23.81 2.18
C ALA A 274 15.49 -23.11 3.12
N CYS A 275 16.00 -22.16 3.93
CA CYS A 275 15.14 -21.34 4.79
C CYS A 275 14.22 -20.46 3.94
N LEU A 276 14.72 -19.92 2.84
CA LEU A 276 13.91 -19.08 1.98
C LEU A 276 12.73 -19.85 1.41
N ARG A 277 12.93 -21.13 1.09
CA ARG A 277 11.87 -21.93 0.51
C ARG A 277 10.78 -22.30 1.52
N THR A 278 11.04 -22.13 2.82
CA THR A 278 10.03 -22.41 3.83
C THR A 278 9.13 -21.21 4.12
N ARG A 279 9.51 -20.01 3.71
CA ARG A 279 8.71 -18.84 3.99
C ARG A 279 7.54 -18.76 3.02
N PRO A 280 6.37 -18.31 3.48
CA PRO A 280 5.25 -18.08 2.56
C PRO A 280 5.64 -17.06 1.50
N ALA A 281 5.03 -17.21 0.32
CA ALA A 281 5.39 -16.35 -0.81
C ALA A 281 5.10 -14.89 -0.52
N GLN A 282 4.00 -14.61 0.18
CA GLN A 282 3.65 -13.22 0.48
C GLN A 282 4.68 -12.57 1.40
N VAL A 283 5.31 -13.35 2.27
CA VAL A 283 6.31 -12.81 3.18
C VAL A 283 7.50 -12.28 2.41
N LEU A 284 7.95 -13.02 1.39
CA LEU A 284 9.05 -12.54 0.56
C LEU A 284 8.65 -11.27 -0.19
N VAL A 285 7.43 -11.22 -0.71
CA VAL A 285 6.97 -10.05 -1.44
C VAL A 285 6.95 -8.82 -0.54
N ASN A 286 6.59 -9.01 0.73
CA ASN A 286 6.40 -7.88 1.64
C ASN A 286 7.70 -7.18 2.01
N HIS A 287 8.85 -7.70 1.61
CA HIS A 287 10.14 -7.08 1.92
C HIS A 287 10.97 -6.83 0.67
N GLU A 288 10.34 -6.85 -0.51
CA GLU A 288 11.10 -6.78 -1.76
C GLU A 288 11.75 -5.41 -1.95
N TRP A 289 11.01 -4.34 -1.65
CA TRP A 289 11.52 -3.00 -1.90
C TRP A 289 12.56 -2.56 -0.87
N HIS A 290 12.61 -3.22 0.29
CA HIS A 290 13.53 -2.84 1.35
C HIS A 290 14.93 -3.39 1.16
N VAL A 291 15.26 -3.87 -0.04
CA VAL A 291 16.62 -4.33 -0.33
C VAL A 291 17.33 -3.46 -1.35
N LEU A 292 16.66 -2.46 -1.92
CA LEU A 292 17.33 -1.54 -2.82
C LEU A 292 18.35 -0.71 -2.05
N PRO A 293 19.51 -0.40 -2.65
CA PRO A 293 20.56 0.28 -1.88
C PRO A 293 20.20 1.70 -1.47
N GLN A 294 19.61 2.50 -2.36
CA GLN A 294 19.31 3.89 -2.07
C GLN A 294 17.92 4.27 -2.55
N GLU A 295 17.52 5.47 -2.16
CA GLU A 295 16.31 6.08 -2.70
C GLU A 295 16.50 6.31 -4.20
N SER A 296 15.49 5.94 -4.99
CA SER A 296 15.64 5.96 -6.43
C SER A 296 14.27 5.84 -7.08
N VAL A 297 14.23 6.15 -8.37
CA VAL A 297 13.12 5.79 -9.25
C VAL A 297 13.72 4.98 -10.39
N PHE A 298 12.88 4.13 -11.00
CA PHE A 298 13.29 3.30 -12.13
C PHE A 298 14.40 2.33 -11.75
N ARG A 299 14.35 1.83 -10.51
CA ARG A 299 15.26 0.79 -10.03
C ARG A 299 14.45 -0.30 -9.36
N PHE A 300 14.81 -1.56 -9.62
CA PHE A 300 14.04 -2.71 -9.15
C PHE A 300 14.96 -3.72 -8.51
N SER A 301 14.42 -4.44 -7.52
CA SER A 301 15.26 -5.22 -6.61
C SER A 301 15.86 -6.44 -7.30
N PHE A 302 15.03 -7.24 -7.96
CA PHE A 302 15.45 -8.53 -8.51
C PHE A 302 15.27 -8.49 -10.03
N VAL A 303 16.39 -8.42 -10.74
CA VAL A 303 16.41 -8.28 -12.19
C VAL A 303 17.39 -9.32 -12.74
N PRO A 304 17.46 -9.52 -14.06
CA PRO A 304 18.47 -10.45 -14.60
C PRO A 304 19.88 -10.12 -14.12
N VAL A 305 20.64 -11.15 -13.83
CA VAL A 305 22.00 -11.02 -13.34
C VAL A 305 22.96 -11.48 -14.43
N VAL A 306 24.10 -10.80 -14.53
CA VAL A 306 25.14 -11.17 -15.50
C VAL A 306 26.00 -12.23 -14.81
N ASP A 307 25.69 -13.50 -15.09
CA ASP A 307 26.27 -14.62 -14.38
C ASP A 307 27.31 -15.39 -15.18
N GLY A 308 27.34 -15.22 -16.49
CA GLY A 308 28.15 -16.03 -17.37
C GLY A 308 27.39 -17.17 -18.04
N ASP A 309 26.13 -17.39 -17.65
CA ASP A 309 25.35 -18.48 -18.21
C ASP A 309 24.37 -17.97 -19.27
N PHE A 310 23.19 -17.49 -18.83
CA PHE A 310 22.22 -16.96 -19.78
C PHE A 310 22.82 -15.83 -20.60
N LEU A 311 23.63 -14.97 -19.97
CA LEU A 311 24.38 -13.92 -20.64
C LEU A 311 25.86 -14.17 -20.37
N SER A 312 26.61 -14.54 -21.41
CA SER A 312 28.03 -14.82 -21.25
C SER A 312 28.81 -13.58 -20.84
N ASP A 313 28.26 -12.39 -21.07
CA ASP A 313 28.89 -11.14 -20.69
C ASP A 313 27.79 -10.11 -20.48
N THR A 314 28.20 -8.87 -20.20
CA THR A 314 27.22 -7.80 -20.03
C THR A 314 26.45 -7.61 -21.34
N PRO A 315 25.20 -7.17 -21.26
CA PRO A 315 24.47 -6.85 -22.49
C PRO A 315 25.20 -5.84 -23.37
N GLU A 316 25.89 -4.87 -22.76
CA GLU A 316 26.66 -3.90 -23.54
C GLU A 316 27.78 -4.58 -24.32
N ALA A 317 28.51 -5.50 -23.68
CA ALA A 317 29.59 -6.19 -24.37
C ALA A 317 29.07 -7.07 -25.48
N LEU A 318 27.98 -7.82 -25.22
CA LEU A 318 27.45 -8.72 -26.23
C LEU A 318 26.85 -7.94 -27.40
N ILE A 319 26.28 -6.78 -27.15
CA ILE A 319 25.73 -5.96 -28.23
C ILE A 319 26.85 -5.48 -29.14
N ASN A 320 27.96 -5.03 -28.57
CA ASN A 320 29.05 -4.48 -29.37
C ASN A 320 29.72 -5.55 -30.22
N ALA A 321 29.98 -6.72 -29.62
CA ALA A 321 30.68 -7.80 -30.31
C ALA A 321 29.74 -8.79 -30.97
N GLY A 322 28.57 -8.35 -31.43
CA GLY A 322 27.55 -9.24 -31.96
C GLY A 322 27.37 -9.09 -33.46
N ASP A 323 27.10 -10.21 -34.12
CA ASP A 323 26.74 -10.25 -35.53
C ASP A 323 25.23 -10.43 -35.62
N PHE A 324 24.56 -9.48 -36.27
CA PHE A 324 23.11 -9.47 -36.35
C PHE A 324 22.63 -9.50 -37.79
N HIS A 325 23.43 -10.05 -38.70
CA HIS A 325 23.00 -10.22 -40.08
C HIS A 325 21.84 -11.20 -40.16
N GLY A 326 20.87 -10.90 -41.01
CA GLY A 326 19.69 -11.73 -41.13
C GLY A 326 18.63 -11.50 -40.07
N LEU A 327 18.73 -10.41 -39.32
CA LEU A 327 17.79 -10.10 -38.25
C LEU A 327 17.12 -8.77 -38.53
N GLN A 328 15.82 -8.71 -38.32
CA GLN A 328 15.05 -7.48 -38.42
C GLN A 328 14.52 -7.10 -37.04
N VAL A 329 14.71 -5.85 -36.65
CA VAL A 329 14.30 -5.36 -35.34
C VAL A 329 13.49 -4.08 -35.51
N LEU A 330 12.46 -3.94 -34.69
CA LEU A 330 11.67 -2.71 -34.59
C LEU A 330 11.77 -2.20 -33.16
N VAL A 331 12.26 -0.98 -33.00
CA VAL A 331 12.43 -0.37 -31.68
C VAL A 331 11.75 0.99 -31.68
N GLY A 332 11.51 1.50 -30.47
CA GLY A 332 10.87 2.80 -30.34
C GLY A 332 10.66 3.16 -28.89
N VAL A 333 10.17 4.39 -28.70
CA VAL A 333 9.93 4.96 -27.38
C VAL A 333 8.65 5.79 -27.45
N VAL A 334 8.17 6.21 -26.29
CA VAL A 334 7.08 7.14 -26.20
C VAL A 334 7.66 8.54 -26.00
N LYS A 335 6.80 9.56 -26.13
CA LYS A 335 7.28 10.93 -26.14
C LYS A 335 7.80 11.38 -24.77
N ASP A 336 7.25 10.83 -23.69
CA ASP A 336 7.60 11.25 -22.33
C ASP A 336 7.90 10.00 -21.49
N GLU A 337 9.11 9.47 -21.67
CA GLU A 337 9.44 8.18 -21.05
C GLU A 337 9.58 8.30 -19.54
N GLY A 338 9.98 9.46 -19.03
CA GLY A 338 10.33 9.57 -17.62
C GLY A 338 9.27 10.11 -16.70
N SER A 339 8.20 10.70 -17.25
CA SER A 339 7.24 11.40 -16.42
C SER A 339 6.51 10.48 -15.46
N TYR A 340 6.28 9.23 -15.87
CA TYR A 340 5.53 8.29 -15.04
C TYR A 340 6.25 8.00 -13.73
N PHE A 341 7.57 7.91 -13.76
CA PHE A 341 8.34 7.47 -12.62
C PHE A 341 8.62 8.57 -11.60
N LEU A 342 8.35 9.83 -11.94
CA LEU A 342 8.72 10.92 -11.04
C LEU A 342 7.84 10.97 -9.81
N VAL A 343 6.58 10.52 -9.92
CA VAL A 343 5.69 10.49 -8.76
C VAL A 343 5.99 9.35 -7.80
N TYR A 344 7.05 8.58 -8.06
CA TYR A 344 7.44 7.46 -7.22
C TYR A 344 8.70 7.74 -6.41
N GLY A 345 8.97 9.01 -6.10
CA GLY A 345 10.13 9.31 -5.29
C GLY A 345 10.77 10.67 -5.49
N ALA A 346 10.56 11.29 -6.64
CA ALA A 346 11.15 12.59 -6.89
C ALA A 346 10.45 13.65 -6.04
N PRO A 347 11.19 14.44 -5.27
CA PRO A 347 10.55 15.40 -4.37
C PRO A 347 9.81 16.49 -5.14
N GLY A 348 8.66 16.90 -4.58
CA GLY A 348 7.84 17.93 -5.18
C GLY A 348 6.87 17.46 -6.23
N PHE A 349 6.85 16.17 -6.55
CA PHE A 349 6.01 15.65 -7.62
C PHE A 349 4.75 15.01 -7.05
N SER A 350 3.63 15.25 -7.71
CA SER A 350 2.34 14.68 -7.33
C SER A 350 1.52 14.52 -8.59
N LYS A 351 0.79 13.40 -8.69
CA LYS A 351 -0.09 13.22 -9.83
C LYS A 351 -1.32 14.10 -9.76
N ASP A 352 -1.61 14.69 -8.60
CA ASP A 352 -2.83 15.45 -8.39
C ASP A 352 -2.60 16.96 -8.36
N ASN A 353 -1.40 17.42 -8.73
CA ASN A 353 -1.18 18.84 -8.96
C ASN A 353 -0.24 18.99 -10.16
N GLU A 354 0.19 20.22 -10.43
CA GLU A 354 1.01 20.50 -11.60
C GLU A 354 2.47 20.12 -11.42
N SER A 355 2.89 19.79 -10.21
CA SER A 355 4.28 19.40 -9.92
C SER A 355 5.27 20.45 -10.43
N LEU A 356 4.94 21.72 -10.21
CA LEU A 356 5.84 22.83 -10.57
C LEU A 356 6.93 22.90 -9.52
N ILE A 357 7.98 22.10 -9.73
CA ILE A 357 9.00 21.92 -8.71
C ILE A 357 9.92 23.13 -8.68
N SER A 358 10.63 23.27 -7.56
CA SER A 358 11.61 24.33 -7.38
C SER A 358 12.97 23.88 -7.88
N ARG A 359 13.90 24.83 -7.94
CA ARG A 359 15.26 24.51 -8.35
C ARG A 359 15.91 23.52 -7.38
N ALA A 360 15.70 23.73 -6.08
CA ALA A 360 16.27 22.82 -5.09
C ALA A 360 15.67 21.42 -5.23
N GLU A 361 14.37 21.34 -5.52
CA GLU A 361 13.75 20.04 -5.74
C GLU A 361 14.29 19.36 -6.99
N PHE A 362 14.60 20.15 -8.04
CA PHE A 362 15.17 19.58 -9.24
C PHE A 362 16.54 18.98 -8.98
N LEU A 363 17.39 19.71 -8.24
CA LEU A 363 18.73 19.22 -7.95
C LEU A 363 18.67 17.96 -7.09
N ALA A 364 17.75 17.92 -6.13
CA ALA A 364 17.59 16.70 -5.33
C ALA A 364 17.02 15.57 -6.16
N GLY A 365 16.10 15.88 -7.08
CA GLY A 365 15.53 14.86 -7.92
C GLY A 365 16.52 14.23 -8.88
N VAL A 366 17.56 14.98 -9.27
CA VAL A 366 18.58 14.42 -10.15
C VAL A 366 19.32 13.29 -9.45
N ARG A 367 19.55 13.42 -8.14
CA ARG A 367 20.21 12.35 -7.39
C ARG A 367 19.31 11.13 -7.26
N VAL A 368 17.99 11.32 -7.26
CA VAL A 368 17.07 10.19 -7.20
C VAL A 368 16.90 9.56 -8.58
N GLY A 369 16.82 10.38 -9.62
CA GLY A 369 16.70 9.87 -10.97
C GLY A 369 17.98 9.26 -11.52
N VAL A 370 19.14 9.66 -10.99
CA VAL A 370 20.42 9.08 -11.38
C VAL A 370 21.16 8.64 -10.13
N PRO A 371 20.86 7.46 -9.59
CA PRO A 371 21.48 7.03 -8.33
C PRO A 371 22.87 6.44 -8.50
N GLN A 372 23.63 6.51 -7.41
CA GLN A 372 25.01 6.01 -7.33
C GLN A 372 25.91 6.58 -8.42
N VAL A 373 25.94 7.91 -8.50
CA VAL A 373 26.92 8.59 -9.32
C VAL A 373 27.58 9.67 -8.48
N SER A 374 28.81 10.02 -8.84
CA SER A 374 29.56 11.03 -8.10
C SER A 374 28.85 12.37 -8.16
N ASP A 375 29.20 13.24 -7.21
CA ASP A 375 28.64 14.59 -7.21
C ASP A 375 28.99 15.33 -8.50
N LEU A 376 30.20 15.10 -9.02
CA LEU A 376 30.59 15.71 -10.28
C LEU A 376 29.75 15.19 -11.43
N ALA A 377 29.42 13.89 -11.40
CA ALA A 377 28.55 13.33 -12.42
C ALA A 377 27.18 13.99 -12.40
N ALA A 378 26.63 14.21 -11.21
CA ALA A 378 25.36 14.93 -11.10
C ALA A 378 25.49 16.36 -11.62
N GLU A 379 26.63 17.00 -11.37
CA GLU A 379 26.85 18.35 -11.89
C GLU A 379 26.79 18.35 -13.42
N ALA A 380 27.39 17.34 -14.05
CA ALA A 380 27.34 17.24 -15.50
C ALA A 380 25.91 17.03 -15.98
N VAL A 381 25.13 16.24 -15.24
CA VAL A 381 23.72 16.05 -15.59
C VAL A 381 22.96 17.36 -15.48
N VAL A 382 23.20 18.10 -14.39
CA VAL A 382 22.51 19.37 -14.17
C VAL A 382 22.87 20.37 -15.27
N LEU A 383 24.14 20.41 -15.67
CA LEU A 383 24.55 21.34 -16.72
C LEU A 383 23.83 21.03 -18.03
N HIS A 384 23.73 19.75 -18.39
CA HIS A 384 23.17 19.39 -19.68
C HIS A 384 21.67 19.61 -19.74
N TYR A 385 20.97 19.52 -18.60
CA TYR A 385 19.51 19.55 -18.59
C TYR A 385 18.95 20.84 -17.98
N THR A 386 19.78 21.83 -17.71
CA THR A 386 19.32 23.13 -17.26
C THR A 386 19.24 24.08 -18.45
N ASP A 387 18.12 24.77 -18.58
CA ASP A 387 18.01 25.90 -19.50
C ASP A 387 18.57 27.12 -18.78
N TRP A 388 19.78 27.54 -19.17
CA TRP A 388 20.46 28.58 -18.42
C TRP A 388 19.93 29.98 -18.72
N LEU A 389 18.97 30.12 -19.63
CA LEU A 389 18.20 31.35 -19.73
C LEU A 389 17.01 31.37 -18.78
N HIS A 390 16.51 30.20 -18.37
CA HIS A 390 15.42 30.09 -17.40
C HIS A 390 15.75 28.99 -16.41
N PRO A 391 16.82 29.16 -15.62
CA PRO A 391 17.28 28.06 -14.75
C PRO A 391 16.38 27.79 -13.56
N GLU A 392 15.39 28.64 -13.29
CA GLU A 392 14.51 28.47 -12.14
C GLU A 392 13.05 28.30 -12.52
N ASP A 393 12.73 28.26 -13.80
CA ASP A 393 11.34 28.10 -14.24
C ASP A 393 10.82 26.73 -13.85
N PRO A 394 9.79 26.63 -13.01
CA PRO A 394 9.34 25.31 -12.56
C PRO A 394 8.88 24.39 -13.68
N ALA A 395 8.13 24.90 -14.66
CA ALA A 395 7.66 24.03 -15.74
C ALA A 395 8.82 23.45 -16.55
N ARG A 396 9.85 24.26 -16.82
CA ARG A 396 10.99 23.75 -17.55
C ARG A 396 11.78 22.75 -16.70
N LEU A 397 11.86 22.99 -15.39
CA LEU A 397 12.53 22.03 -14.52
C LEU A 397 11.78 20.72 -14.43
N ARG A 398 10.44 20.77 -14.48
CA ARG A 398 9.65 19.54 -14.44
C ARG A 398 9.91 18.70 -15.69
N GLU A 399 9.86 19.31 -16.87
CA GLU A 399 10.13 18.58 -18.10
C GLU A 399 11.59 18.16 -18.19
N ALA A 400 12.49 18.91 -17.55
CA ALA A 400 13.91 18.54 -17.59
C ALA A 400 14.16 17.27 -16.80
N LEU A 401 13.58 17.16 -15.60
CA LEU A 401 13.80 15.97 -14.80
C LEU A 401 13.19 14.73 -15.45
N SER A 402 12.02 14.90 -16.09
CA SER A 402 11.45 13.79 -16.86
C SER A 402 12.38 13.38 -17.99
N ASP A 403 13.00 14.35 -18.66
CA ASP A 403 13.97 14.02 -19.71
C ASP A 403 15.18 13.31 -19.12
N VAL A 404 15.62 13.72 -17.93
CA VAL A 404 16.76 13.05 -17.29
C VAL A 404 16.45 11.58 -17.06
N VAL A 405 15.30 11.29 -16.45
CA VAL A 405 14.95 9.92 -16.15
C VAL A 405 14.65 9.14 -17.42
N GLY A 406 13.97 9.77 -18.38
CA GLY A 406 13.62 9.08 -19.61
C GLY A 406 14.84 8.77 -20.48
N ASP A 407 15.72 9.76 -20.67
CA ASP A 407 16.90 9.55 -21.50
C ASP A 407 17.84 8.54 -20.85
N HIS A 408 18.10 8.70 -19.56
CA HIS A 408 19.06 7.83 -18.88
C HIS A 408 18.60 6.38 -18.88
N ASN A 409 17.29 6.16 -18.74
CA ASN A 409 16.77 4.81 -18.54
C ASN A 409 16.25 4.14 -19.82
N VAL A 410 15.71 4.90 -20.77
CA VAL A 410 15.03 4.28 -21.90
C VAL A 410 15.60 4.75 -23.23
N VAL A 411 15.49 6.05 -23.51
CA VAL A 411 15.76 6.56 -24.86
C VAL A 411 17.21 6.28 -25.27
N CYS A 412 18.15 6.64 -24.41
CA CYS A 412 19.54 6.51 -24.79
C CYS A 412 20.02 5.06 -24.78
N PRO A 413 19.57 4.20 -23.85
CA PRO A 413 19.87 2.77 -24.01
C PRO A 413 19.28 2.19 -25.29
N VAL A 414 18.07 2.62 -25.67
CA VAL A 414 17.46 2.12 -26.89
C VAL A 414 18.22 2.62 -28.11
N ALA A 415 18.57 3.91 -28.12
CA ALA A 415 19.30 4.47 -29.26
C ALA A 415 20.67 3.81 -29.43
N GLN A 416 21.35 3.52 -28.31
CA GLN A 416 22.62 2.82 -28.38
C GLN A 416 22.45 1.43 -28.99
N LEU A 417 21.41 0.71 -28.58
CA LEU A 417 21.17 -0.62 -29.12
C LEU A 417 20.80 -0.56 -30.61
N ALA A 418 19.94 0.39 -30.99
CA ALA A 418 19.50 0.49 -32.37
C ALA A 418 20.66 0.80 -33.30
N GLY A 419 21.56 1.68 -32.88
CA GLY A 419 22.70 2.03 -33.71
C GLY A 419 23.66 0.86 -33.90
N ARG A 420 23.96 0.15 -32.81
CA ARG A 420 24.88 -0.98 -32.91
C ARG A 420 24.29 -2.11 -33.74
N LEU A 421 22.97 -2.31 -33.68
CA LEU A 421 22.35 -3.38 -34.46
C LEU A 421 22.39 -3.07 -35.95
N ALA A 422 21.99 -1.85 -36.32
CA ALA A 422 21.95 -1.48 -37.73
C ALA A 422 23.35 -1.52 -38.33
N ALA A 423 24.35 -1.07 -37.57
CA ALA A 423 25.72 -1.03 -38.06
C ALA A 423 26.39 -2.40 -38.07
N GLN A 424 25.75 -3.43 -37.54
CA GLN A 424 26.36 -4.75 -37.45
C GLN A 424 25.49 -5.83 -38.06
N GLY A 425 24.69 -5.48 -39.07
CA GLY A 425 24.02 -6.45 -39.92
C GLY A 425 22.49 -6.42 -39.83
N ALA A 426 21.93 -5.93 -38.74
CA ALA A 426 20.49 -5.99 -38.55
C ALA A 426 19.80 -4.88 -39.32
N ARG A 427 18.61 -5.19 -39.85
CA ARG A 427 17.72 -4.20 -40.42
C ARG A 427 16.84 -3.66 -39.30
N VAL A 428 16.87 -2.35 -39.10
CA VAL A 428 16.27 -1.72 -37.92
C VAL A 428 15.24 -0.68 -38.37
N TYR A 429 14.12 -0.63 -37.65
CA TYR A 429 13.13 0.42 -37.81
C TYR A 429 12.87 1.07 -36.46
N ALA A 430 12.73 2.39 -36.44
CA ALA A 430 12.60 3.13 -35.20
C ALA A 430 11.39 4.05 -35.25
N TYR A 431 10.79 4.28 -34.09
CA TYR A 431 9.61 5.13 -33.98
C TYR A 431 9.66 5.90 -32.67
N VAL A 432 8.87 6.97 -32.61
CA VAL A 432 8.57 7.68 -31.38
C VAL A 432 7.06 7.87 -31.32
N PHE A 433 6.44 7.31 -30.28
CA PHE A 433 5.00 7.36 -30.12
C PHE A 433 4.61 8.68 -29.46
N GLU A 434 3.81 9.50 -30.16
CA GLU A 434 3.54 10.86 -29.73
C GLU A 434 2.05 11.17 -29.54
N HIS A 435 1.19 10.17 -29.55
CA HIS A 435 -0.24 10.40 -29.32
C HIS A 435 -0.60 10.07 -27.88
N ARG A 436 -1.25 11.02 -27.22
CA ARG A 436 -1.76 10.81 -25.87
C ARG A 436 -3.22 10.39 -25.95
N ALA A 437 -3.53 9.24 -25.36
CA ALA A 437 -4.88 8.69 -25.44
C ALA A 437 -5.89 9.68 -24.83
N SER A 438 -7.05 9.78 -25.48
CA SER A 438 -8.09 10.67 -25.00
C SER A 438 -8.65 10.25 -23.65
N THR A 439 -8.52 8.98 -23.29
CA THR A 439 -9.06 8.44 -22.04
C THR A 439 -8.00 8.36 -20.95
N LEU A 440 -6.82 8.92 -21.16
CA LEU A 440 -5.72 8.77 -20.22
C LEU A 440 -6.03 9.48 -18.90
N SER A 441 -5.93 8.76 -17.80
CA SER A 441 -6.27 9.28 -16.48
C SER A 441 -5.10 9.91 -15.75
N TRP A 442 -3.87 9.72 -16.23
CA TRP A 442 -2.73 10.41 -15.66
C TRP A 442 -2.82 11.90 -15.99
N PRO A 443 -2.19 12.76 -15.18
CA PRO A 443 -2.30 14.21 -15.39
C PRO A 443 -1.73 14.63 -16.75
N LEU A 444 -2.16 15.81 -17.18
CA LEU A 444 -1.77 16.31 -18.50
C LEU A 444 -0.27 16.59 -18.58
N TRP A 445 0.36 17.00 -17.48
CA TRP A 445 1.78 17.33 -17.55
C TRP A 445 2.66 16.12 -17.79
N MET A 446 2.14 14.90 -17.63
CA MET A 446 2.92 13.71 -17.92
C MET A 446 3.02 13.41 -19.42
N GLY A 447 2.19 14.06 -20.24
CA GLY A 447 2.30 13.89 -21.68
C GLY A 447 1.87 12.49 -22.10
N VAL A 448 2.74 11.83 -22.86
CA VAL A 448 2.53 10.45 -23.30
C VAL A 448 3.44 9.56 -22.46
N PRO A 449 2.96 9.02 -21.34
CA PRO A 449 3.85 8.37 -20.38
C PRO A 449 4.28 6.98 -20.83
N HIS A 450 5.26 6.46 -20.11
CA HIS A 450 5.80 5.12 -20.33
C HIS A 450 4.69 4.07 -20.26
N GLY A 451 4.51 3.32 -21.34
CA GLY A 451 3.60 2.20 -21.37
C GLY A 451 2.27 2.45 -22.04
N TYR A 452 1.97 3.67 -22.47
CA TYR A 452 0.64 4.01 -22.96
C TYR A 452 0.57 4.06 -24.49
N GLU A 453 1.49 3.36 -25.16
CA GLU A 453 1.29 2.96 -26.55
C GLU A 453 0.75 1.54 -26.67
N ILE A 454 0.80 0.76 -25.58
CA ILE A 454 0.45 -0.65 -25.64
C ILE A 454 -1.01 -0.82 -26.04
N GLU A 455 -1.91 -0.04 -25.43
CA GLU A 455 -3.33 -0.17 -25.72
C GLU A 455 -3.65 0.11 -27.18
N PHE A 456 -2.80 0.87 -27.88
CA PHE A 456 -3.03 1.11 -29.30
C PHE A 456 -2.46 -0.01 -30.16
N ILE A 457 -1.36 -0.63 -29.72
CA ILE A 457 -0.80 -1.76 -30.46
C ILE A 457 -1.75 -2.94 -30.43
N PHE A 458 -2.43 -3.16 -29.30
CA PHE A 458 -3.35 -4.29 -29.15
C PHE A 458 -4.76 -3.95 -29.62
N GLY A 459 -4.96 -2.79 -30.23
CA GLY A 459 -6.28 -2.45 -30.76
C GLY A 459 -7.36 -2.26 -29.71
N ILE A 460 -6.99 -1.91 -28.48
CA ILE A 460 -7.99 -1.71 -27.42
C ILE A 460 -9.05 -0.68 -27.81
N PRO A 461 -8.74 0.41 -28.54
CA PRO A 461 -9.81 1.34 -28.95
C PRO A 461 -10.96 0.69 -29.71
N LEU A 462 -10.73 -0.51 -30.27
CA LEU A 462 -11.81 -1.20 -30.97
C LEU A 462 -12.87 -1.75 -30.04
N ASP A 463 -12.57 -1.87 -28.74
CA ASP A 463 -13.54 -2.31 -27.75
C ASP A 463 -14.74 -1.36 -27.72
N PRO A 464 -15.93 -1.82 -28.08
CA PRO A 464 -17.10 -0.92 -28.06
C PRO A 464 -17.50 -0.47 -26.68
N SER A 465 -17.02 -1.12 -25.63
CA SER A 465 -17.31 -0.71 -24.26
C SER A 465 -16.40 0.39 -23.75
N ARG A 466 -15.66 1.06 -24.63
CA ARG A 466 -14.74 2.11 -24.25
C ARG A 466 -14.99 3.36 -25.07
N ASN A 467 -14.56 4.51 -24.53
CA ASN A 467 -14.88 5.82 -25.07
C ASN A 467 -13.74 6.41 -25.89
N TYR A 468 -13.10 5.61 -26.72
CA TYR A 468 -12.09 6.14 -27.62
C TYR A 468 -12.73 6.89 -28.78
N THR A 469 -11.98 7.83 -29.36
CA THR A 469 -12.48 8.61 -30.48
C THR A 469 -12.46 7.79 -31.77
N ALA A 470 -13.11 8.33 -32.80
CA ALA A 470 -13.12 7.66 -34.10
C ALA A 470 -11.75 7.66 -34.73
N GLU A 471 -11.00 8.76 -34.60
CA GLU A 471 -9.65 8.82 -35.15
C GLU A 471 -8.71 7.87 -34.42
N GLU A 472 -8.92 7.64 -33.13
CA GLU A 472 -8.06 6.74 -32.38
C GLU A 472 -8.25 5.29 -32.82
N LYS A 473 -9.45 4.92 -33.26
CA LYS A 473 -9.67 3.56 -33.76
C LYS A 473 -8.95 3.34 -35.07
N ILE A 474 -9.03 4.30 -36.00
CA ILE A 474 -8.27 4.20 -37.25
C ILE A 474 -6.78 4.20 -36.95
N PHE A 475 -6.36 5.02 -35.99
CA PHE A 475 -4.95 5.06 -35.59
C PHE A 475 -4.50 3.69 -35.07
N ALA A 476 -5.34 3.03 -34.28
CA ALA A 476 -4.99 1.72 -33.76
C ALA A 476 -4.87 0.69 -34.88
N GLN A 477 -5.79 0.72 -35.84
CA GLN A 477 -5.73 -0.21 -36.96
C GLN A 477 -4.46 0.00 -37.77
N ARG A 478 -4.03 1.25 -37.92
CA ARG A 478 -2.82 1.54 -38.69
C ARG A 478 -1.59 0.98 -37.99
N LEU A 479 -1.51 1.11 -36.66
CA LEU A 479 -0.37 0.56 -35.94
C LEU A 479 -0.41 -0.97 -35.91
N MET A 480 -1.61 -1.55 -35.79
CA MET A 480 -1.72 -3.01 -35.83
C MET A 480 -1.22 -3.57 -37.15
N ARG A 481 -1.40 -2.83 -38.25
CA ARG A 481 -0.87 -3.26 -39.54
C ARG A 481 0.65 -3.11 -39.58
N TYR A 482 1.18 -2.01 -39.04
CA TYR A 482 2.63 -1.84 -38.93
C TYR A 482 3.26 -3.05 -38.23
N TRP A 483 2.70 -3.44 -37.09
CA TRP A 483 3.28 -4.52 -36.31
C TRP A 483 3.12 -5.86 -37.02
N ALA A 484 1.96 -6.08 -37.65
CA ALA A 484 1.74 -7.35 -38.35
C ALA A 484 2.55 -7.42 -39.64
N ASN A 485 2.64 -6.32 -40.38
CA ASN A 485 3.50 -6.30 -41.56
C ASN A 485 4.94 -6.64 -41.20
N PHE A 486 5.42 -6.11 -40.07
CA PHE A 486 6.77 -6.44 -39.62
C PHE A 486 6.88 -7.90 -39.23
N ALA A 487 5.85 -8.46 -38.59
CA ALA A 487 5.88 -9.86 -38.24
C ALA A 487 5.84 -10.75 -39.48
N ARG A 488 5.12 -10.34 -40.52
CA ARG A 488 5.00 -11.15 -41.73
C ARG A 488 6.26 -11.06 -42.59
N THR A 489 6.72 -9.83 -42.87
CA THR A 489 7.77 -9.60 -43.85
C THR A 489 9.05 -9.01 -43.28
N GLY A 490 9.08 -8.60 -42.02
CA GLY A 490 10.23 -7.89 -41.50
C GLY A 490 10.29 -6.43 -41.87
N ASP A 491 9.23 -5.90 -42.47
CA ASP A 491 9.16 -4.52 -42.93
C ASP A 491 7.80 -3.95 -42.55
N PRO A 492 7.76 -2.91 -41.71
CA PRO A 492 6.45 -2.35 -41.33
C PRO A 492 5.71 -1.68 -42.48
N ASN A 493 6.41 -1.31 -43.54
CA ASN A 493 5.77 -0.66 -44.67
C ASN A 493 4.88 -1.65 -45.42
N GLU A 494 3.87 -1.11 -46.10
CA GLU A 494 2.98 -1.95 -46.88
C GLU A 494 3.74 -2.56 -48.05
N PRO A 495 3.71 -3.89 -48.23
CA PRO A 495 4.53 -4.52 -49.27
C PRO A 495 4.16 -4.09 -50.69
N ARG A 496 3.03 -3.42 -50.89
CA ARG A 496 2.61 -3.03 -52.23
C ARG A 496 2.20 -1.56 -52.29
N ASP A 497 1.61 -1.07 -51.20
CA ASP A 497 0.92 0.22 -51.23
C ASP A 497 1.93 1.37 -51.24
N PRO A 498 1.91 2.24 -52.25
CA PRO A 498 2.67 3.50 -52.19
C PRO A 498 1.88 4.71 -51.73
N LYS A 499 0.65 4.54 -51.24
CA LYS A 499 -0.18 5.65 -50.79
C LYS A 499 0.47 6.39 -49.63
N ALA A 500 0.56 5.72 -48.48
CA ALA A 500 1.06 6.35 -47.27
C ALA A 500 2.56 6.63 -47.40
N PRO A 501 3.06 7.64 -46.69
CA PRO A 501 4.51 7.85 -46.65
C PRO A 501 5.23 6.63 -46.10
N GLN A 502 6.48 6.46 -46.51
CA GLN A 502 7.23 5.26 -46.20
C GLN A 502 8.06 5.42 -44.93
N TRP A 503 8.32 4.29 -44.29
CA TRP A 503 9.06 4.20 -43.03
C TRP A 503 10.49 3.78 -43.35
N PRO A 504 11.45 4.71 -43.39
CA PRO A 504 12.80 4.34 -43.76
C PRO A 504 13.49 3.58 -42.64
N PRO A 505 14.36 2.62 -42.97
CA PRO A 505 15.12 1.93 -41.93
C PRO A 505 15.99 2.89 -41.12
N TYR A 506 16.33 2.45 -39.91
CA TYR A 506 17.19 3.22 -39.02
C TYR A 506 18.64 2.81 -39.26
N THR A 507 19.50 3.81 -39.45
CA THR A 507 20.91 3.61 -39.70
C THR A 507 21.74 4.30 -38.63
N ALA A 508 22.99 3.86 -38.48
CA ALA A 508 23.88 4.51 -37.53
C ALA A 508 24.25 5.92 -37.99
N GLY A 509 24.16 6.20 -39.28
CA GLY A 509 24.51 7.51 -39.80
C GLY A 509 23.32 8.45 -39.91
N ALA A 510 22.33 8.08 -40.71
CA ALA A 510 21.16 8.95 -40.90
C ALA A 510 20.28 8.98 -39.67
N GLN A 511 20.17 7.86 -38.94
CA GLN A 511 19.41 7.79 -37.69
C GLN A 511 17.96 8.24 -37.89
N GLN A 512 17.33 7.71 -38.92
CA GLN A 512 15.97 8.10 -39.27
C GLN A 512 14.95 7.30 -38.46
N TYR A 513 13.89 7.98 -38.04
CA TYR A 513 12.79 7.35 -37.33
C TYR A 513 11.51 8.07 -37.72
N VAL A 514 10.38 7.48 -37.36
CA VAL A 514 9.08 8.04 -37.73
C VAL A 514 8.31 8.43 -36.47
N SER A 515 7.43 9.40 -36.64
CA SER A 515 6.52 9.82 -35.58
C SER A 515 5.21 9.06 -35.72
N LEU A 516 4.75 8.47 -34.62
CA LEU A 516 3.50 7.72 -34.61
C LEU A 516 2.44 8.53 -33.86
N ASP A 517 1.52 9.13 -34.60
CA ASP A 517 0.39 9.85 -34.02
C ASP A 517 -0.74 9.86 -35.04
N LEU A 518 -1.76 10.70 -34.78
CA LEU A 518 -2.90 10.76 -35.68
C LEU A 518 -2.52 11.28 -37.06
N ARG A 519 -1.50 12.14 -37.13
CA ARG A 519 -1.03 12.64 -38.41
C ARG A 519 -0.34 11.52 -39.19
N PRO A 520 -0.22 11.68 -40.51
CA PRO A 520 0.54 10.69 -41.30
C PRO A 520 1.99 10.61 -40.83
N LEU A 521 2.67 9.56 -41.30
CA LEU A 521 4.05 9.32 -40.90
C LEU A 521 4.93 10.51 -41.28
N GLU A 522 5.79 10.91 -40.34
CA GLU A 522 6.75 11.98 -40.55
C GLU A 522 8.14 11.45 -40.18
N VAL A 523 9.10 11.69 -41.07
CA VAL A 523 10.45 11.19 -40.88
C VAL A 523 11.28 12.24 -40.16
N ARG A 524 12.00 11.83 -39.11
CA ARG A 524 12.88 12.70 -38.37
C ARG A 524 14.23 12.01 -38.22
N ARG A 525 15.22 12.77 -37.74
CA ARG A 525 16.59 12.28 -37.64
C ARG A 525 17.11 12.50 -36.23
N GLY A 526 17.62 11.44 -35.62
CA GLY A 526 18.25 11.54 -34.32
C GLY A 526 17.35 11.20 -33.14
N LEU A 527 17.67 10.13 -32.42
CA LEU A 527 16.95 9.75 -31.21
C LEU A 527 17.55 10.48 -30.01
N ARG A 528 17.26 11.78 -29.95
CA ARG A 528 17.84 12.67 -28.95
C ARG A 528 19.37 12.56 -28.96
N ALA A 529 19.94 12.81 -30.14
CA ALA A 529 21.35 12.53 -30.37
C ALA A 529 22.25 13.31 -29.44
N GLN A 530 21.94 14.59 -29.20
CA GLN A 530 22.79 15.41 -28.34
C GLN A 530 22.75 14.91 -26.90
N ALA A 531 21.55 14.68 -26.37
CA ALA A 531 21.45 14.22 -24.99
C ALA A 531 22.04 12.84 -24.82
N CYS A 532 21.84 11.96 -25.81
CA CYS A 532 22.33 10.60 -25.68
C CYS A 532 23.83 10.48 -25.87
N ALA A 533 24.46 11.46 -26.52
CA ALA A 533 25.92 11.50 -26.55
C ALA A 533 26.49 11.73 -25.15
N PHE A 534 25.79 12.52 -24.32
CA PHE A 534 26.23 12.72 -22.94
C PHE A 534 26.17 11.41 -22.16
N TRP A 535 25.05 10.67 -22.28
CA TRP A 535 24.90 9.44 -21.51
C TRP A 535 25.78 8.33 -22.06
N ASN A 536 25.81 8.17 -23.38
CA ASN A 536 26.48 7.02 -23.99
C ASN A 536 27.97 7.23 -24.22
N ARG A 537 28.43 8.48 -24.34
CA ARG A 537 29.83 8.74 -24.66
C ARG A 537 30.58 9.42 -23.52
N PHE A 538 30.11 10.56 -23.03
CA PHE A 538 30.92 11.34 -22.10
C PHE A 538 30.82 10.81 -20.68
N LEU A 539 29.60 10.54 -20.20
CA LEU A 539 29.42 10.16 -18.80
C LEU A 539 30.22 8.90 -18.41
N PRO A 540 30.30 7.84 -19.22
CA PRO A 540 31.18 6.72 -18.82
C PRO A 540 32.61 7.14 -18.59
N LYS A 541 33.15 8.02 -19.44
CA LYS A 541 34.51 8.54 -19.22
C LYS A 541 34.60 9.35 -17.94
N LEU A 542 33.53 10.05 -17.57
CA LEU A 542 33.54 10.86 -16.36
C LEU A 542 33.57 9.99 -15.11
N LEU A 543 32.90 8.83 -15.14
CA LEU A 543 32.90 7.94 -13.99
C LEU A 543 34.19 7.12 -13.90
N SER A 544 34.89 6.90 -15.01
CA SER A 544 36.17 6.21 -14.96
C SER A 544 37.19 7.00 -14.16
N ALA A 545 37.45 8.24 -14.58
CA ALA A 545 38.28 9.17 -13.81
C ALA A 545 37.41 9.72 -12.68
N THR A 546 37.56 9.14 -11.50
CA THR A 546 36.69 9.45 -10.36
C THR A 546 36.66 10.93 -9.98
N GLU B 7 -39.73 -11.94 21.53
CA GLU B 7 -39.80 -12.57 20.21
C GLU B 7 -39.21 -11.66 19.15
N ASP B 8 -39.81 -11.69 17.96
CA ASP B 8 -39.46 -10.76 16.90
C ASP B 8 -39.99 -9.36 17.17
N ALA B 9 -40.84 -9.18 18.19
CA ALA B 9 -41.34 -7.87 18.52
C ALA B 9 -40.24 -7.00 19.14
N GLU B 10 -39.29 -7.62 19.84
CA GLU B 10 -38.20 -6.86 20.44
C GLU B 10 -37.21 -6.34 19.42
N LEU B 11 -37.29 -6.80 18.17
CA LEU B 11 -36.43 -6.32 17.10
C LEU B 11 -36.97 -5.07 16.43
N LEU B 12 -38.07 -4.50 16.92
CA LEU B 12 -38.66 -3.29 16.37
C LEU B 12 -38.70 -2.23 17.46
N VAL B 13 -38.03 -1.12 17.22
CA VAL B 13 -37.90 -0.05 18.20
C VAL B 13 -38.14 1.28 17.51
N THR B 14 -38.82 2.19 18.19
CA THR B 14 -39.05 3.54 17.71
C THR B 14 -38.16 4.50 18.50
N VAL B 15 -37.36 5.29 17.79
CA VAL B 15 -36.59 6.37 18.41
C VAL B 15 -37.19 7.69 17.98
N ARG B 16 -36.55 8.80 18.35
CA ARG B 16 -37.10 10.12 18.06
C ARG B 16 -37.14 10.42 16.57
N GLY B 17 -36.29 9.79 15.77
CA GLY B 17 -36.26 10.06 14.35
C GLY B 17 -37.21 9.19 13.54
N GLY B 18 -37.61 8.06 14.09
CA GLY B 18 -38.46 7.13 13.36
C GLY B 18 -38.34 5.73 13.94
N ARG B 19 -38.68 4.76 13.12
CA ARG B 19 -38.73 3.37 13.53
C ARG B 19 -37.54 2.59 12.97
N LEU B 20 -37.12 1.57 13.71
CA LEU B 20 -35.97 0.74 13.35
C LEU B 20 -36.35 -0.72 13.43
N ARG B 21 -35.68 -1.54 12.62
CA ARG B 21 -35.76 -2.99 12.74
C ARG B 21 -34.34 -3.52 12.96
N GLY B 22 -34.15 -4.19 14.09
CA GLY B 22 -32.86 -4.74 14.45
C GLY B 22 -32.72 -6.19 14.01
N ILE B 23 -31.72 -6.86 14.59
CA ILE B 23 -31.41 -8.24 14.26
C ILE B 23 -31.00 -8.96 15.53
N ARG B 24 -31.33 -10.25 15.59
CA ARG B 24 -30.95 -11.09 16.72
C ARG B 24 -29.61 -11.75 16.43
N LEU B 25 -28.66 -11.62 17.37
CA LEU B 25 -27.34 -12.20 17.25
C LEU B 25 -27.21 -13.36 18.23
N LYS B 26 -26.47 -14.38 17.81
CA LYS B 26 -26.28 -15.59 18.60
C LYS B 26 -24.97 -15.54 19.36
N THR B 27 -25.01 -16.00 20.62
CA THR B 27 -23.85 -16.26 21.45
C THR B 27 -24.03 -17.62 22.08
N PRO B 28 -22.93 -18.26 22.51
CA PRO B 28 -23.07 -19.57 23.18
C PRO B 28 -23.96 -19.54 24.41
N GLY B 29 -24.15 -18.38 25.04
CA GLY B 29 -24.96 -18.26 26.23
C GLY B 29 -26.35 -17.70 26.03
N GLY B 30 -26.73 -17.36 24.81
CA GLY B 30 -28.04 -16.81 24.55
C GLY B 30 -28.02 -15.68 23.54
N PRO B 31 -29.18 -15.32 23.01
CA PRO B 31 -29.24 -14.28 21.99
C PRO B 31 -29.19 -12.88 22.58
N VAL B 32 -28.84 -11.93 21.72
CA VAL B 32 -28.91 -10.51 22.02
C VAL B 32 -29.56 -9.80 20.84
N SER B 33 -30.11 -8.63 21.10
CA SER B 33 -30.75 -7.82 20.07
C SER B 33 -29.82 -6.68 19.68
N ALA B 34 -29.51 -6.58 18.39
CA ALA B 34 -28.61 -5.57 17.87
C ALA B 34 -29.33 -4.67 16.89
N PHE B 35 -28.95 -3.39 16.90
CA PHE B 35 -29.49 -2.38 15.99
C PHE B 35 -28.30 -1.67 15.36
N LEU B 36 -27.87 -2.18 14.21
CA LEU B 36 -26.62 -1.73 13.57
C LEU B 36 -26.93 -0.77 12.44
N GLY B 37 -26.29 0.39 12.45
CA GLY B 37 -26.43 1.33 11.36
C GLY B 37 -27.49 2.40 11.55
N ILE B 38 -27.77 2.80 12.78
CA ILE B 38 -28.73 3.85 13.05
C ILE B 38 -28.12 5.20 12.64
N PRO B 39 -28.73 5.93 11.71
CA PRO B 39 -28.21 7.26 11.37
C PRO B 39 -28.48 8.25 12.49
N PHE B 40 -27.41 8.91 12.96
CA PHE B 40 -27.52 9.94 13.98
C PHE B 40 -27.18 11.32 13.47
N ALA B 41 -26.76 11.45 12.21
CA ALA B 41 -26.44 12.75 11.64
C ALA B 41 -26.79 12.76 10.17
N GLU B 42 -26.99 13.97 9.64
CA GLU B 42 -27.08 14.13 8.21
C GLU B 42 -25.74 13.78 7.57
N PRO B 43 -25.74 13.15 6.40
CA PRO B 43 -24.48 12.78 5.74
C PRO B 43 -23.63 14.00 5.48
N PRO B 44 -22.42 14.06 6.06
CA PRO B 44 -21.54 15.23 5.90
C PRO B 44 -20.83 15.25 4.56
N MET B 45 -21.60 15.50 3.50
CA MET B 45 -21.10 15.42 2.14
C MET B 45 -21.26 16.77 1.44
N GLY B 46 -20.56 16.89 0.31
CA GLY B 46 -20.61 18.09 -0.50
C GLY B 46 -20.20 19.33 0.26
N PRO B 47 -21.12 20.29 0.40
CA PRO B 47 -20.80 21.51 1.16
C PRO B 47 -20.63 21.27 2.65
N ARG B 48 -21.05 20.12 3.17
CA ARG B 48 -20.93 19.81 4.59
C ARG B 48 -19.62 19.11 4.95
N ARG B 49 -18.76 18.84 3.97
CA ARG B 49 -17.44 18.31 4.28
C ARG B 49 -16.66 19.35 5.09
N PHE B 50 -15.98 18.87 6.14
CA PHE B 50 -15.21 19.65 7.11
C PHE B 50 -16.08 20.43 8.08
N LEU B 51 -17.40 20.33 8.00
CA LEU B 51 -18.29 21.10 8.85
C LEU B 51 -18.78 20.27 10.03
N PRO B 52 -19.20 20.91 11.12
CA PRO B 52 -19.76 20.16 12.24
C PRO B 52 -20.98 19.39 11.80
N PRO B 53 -21.27 18.27 12.46
CA PRO B 53 -22.41 17.45 12.04
C PRO B 53 -23.73 18.11 12.40
N GLU B 54 -24.74 17.83 11.58
CA GLU B 54 -26.10 18.23 11.86
C GLU B 54 -26.92 17.02 12.28
N PRO B 55 -27.88 17.18 13.18
CA PRO B 55 -28.69 16.03 13.62
C PRO B 55 -29.46 15.43 12.44
N LYS B 56 -29.59 14.11 12.46
CA LYS B 56 -30.34 13.40 11.43
C LYS B 56 -31.82 13.79 11.48
N GLN B 57 -32.35 14.24 10.36
CA GLN B 57 -33.76 14.61 10.29
C GLN B 57 -34.64 13.37 10.35
N PRO B 58 -35.83 13.47 10.95
CA PRO B 58 -36.70 12.30 11.08
C PRO B 58 -37.06 11.70 9.73
N TRP B 59 -37.28 10.39 9.73
CA TRP B 59 -37.48 9.63 8.51
C TRP B 59 -38.83 8.91 8.54
N SER B 60 -39.38 8.67 7.35
CA SER B 60 -40.60 7.91 7.20
C SER B 60 -40.28 6.41 7.14
N GLY B 61 -41.22 5.60 7.61
CA GLY B 61 -41.08 4.17 7.48
C GLY B 61 -40.10 3.58 8.48
N VAL B 62 -39.61 2.40 8.14
CA VAL B 62 -38.75 1.61 9.01
C VAL B 62 -37.35 1.57 8.42
N VAL B 63 -36.39 2.15 9.12
CA VAL B 63 -34.99 2.04 8.73
C VAL B 63 -34.49 0.66 9.10
N ASP B 64 -33.84 -0.01 8.14
CA ASP B 64 -33.27 -1.33 8.40
C ASP B 64 -31.99 -1.18 9.20
N ALA B 65 -31.93 -1.81 10.37
CA ALA B 65 -30.76 -1.72 11.23
C ALA B 65 -30.20 -3.11 11.50
N THR B 66 -30.04 -3.92 10.45
CA THR B 66 -29.62 -5.30 10.60
C THR B 66 -28.18 -5.53 10.17
N THR B 67 -27.50 -4.51 9.67
CA THR B 67 -26.12 -4.66 9.26
C THR B 67 -25.38 -3.35 9.48
N PHE B 68 -24.05 -3.46 9.60
CA PHE B 68 -23.22 -2.27 9.78
C PHE B 68 -23.24 -1.40 8.54
N GLN B 69 -23.09 -0.10 8.74
CA GLN B 69 -23.11 0.86 7.65
C GLN B 69 -21.68 1.11 7.15
N SER B 70 -21.52 2.15 6.34
CA SER B 70 -20.25 2.40 5.67
C SER B 70 -19.18 2.86 6.66
N VAL B 71 -17.93 2.59 6.30
CA VAL B 71 -16.77 3.07 7.04
C VAL B 71 -16.41 4.45 6.50
N CYS B 72 -16.11 5.38 7.40
CA CYS B 72 -15.67 6.70 6.98
C CYS B 72 -14.37 6.59 6.18
N TYR B 73 -14.24 7.44 5.16
CA TYR B 73 -13.06 7.43 4.29
C TYR B 73 -11.78 7.53 5.11
N GLN B 74 -10.83 6.64 4.81
CA GLN B 74 -9.61 6.55 5.60
C GLN B 74 -8.55 5.81 4.82
N TYR B 75 -7.30 6.06 5.20
CA TYR B 75 -6.18 5.30 4.67
C TYR B 75 -6.29 3.84 5.09
N VAL B 76 -5.86 2.95 4.19
CA VAL B 76 -5.91 1.50 4.40
C VAL B 76 -4.49 0.98 4.51
N ASP B 77 -4.18 0.28 5.59
CA ASP B 77 -2.84 -0.20 5.83
C ASP B 77 -2.44 -1.25 4.80
N THR B 78 -1.26 -1.09 4.21
CA THR B 78 -0.74 -2.03 3.23
C THR B 78 0.70 -2.44 3.53
N LEU B 79 1.17 -2.21 4.75
CA LEU B 79 2.55 -2.57 5.10
C LEU B 79 2.76 -4.09 5.04
N TYR B 80 1.73 -4.86 5.34
CA TYR B 80 1.81 -6.33 5.30
C TYR B 80 0.53 -6.88 4.69
N PRO B 81 0.45 -6.91 3.37
CA PRO B 81 -0.77 -7.41 2.71
C PRO B 81 -1.10 -8.84 3.11
N GLY B 82 -2.37 -9.08 3.42
CA GLY B 82 -2.84 -10.40 3.80
C GLY B 82 -2.56 -10.80 5.23
N PHE B 83 -1.93 -9.95 6.02
CA PHE B 83 -1.52 -10.29 7.38
C PHE B 83 -2.66 -9.97 8.35
N GLU B 84 -3.03 -10.96 9.17
CA GLU B 84 -4.14 -10.78 10.10
C GLU B 84 -3.88 -9.65 11.10
N GLY B 85 -2.63 -9.47 11.53
CA GLY B 85 -2.34 -8.47 12.54
C GLY B 85 -2.61 -7.05 12.09
N THR B 86 -2.54 -6.79 10.79
CA THR B 86 -2.86 -5.47 10.25
C THR B 86 -4.24 -5.40 9.62
N GLU B 87 -4.67 -6.45 8.91
CA GLU B 87 -5.96 -6.43 8.25
C GLU B 87 -7.13 -6.35 9.24
N MET B 88 -6.95 -6.79 10.48
CA MET B 88 -8.05 -6.77 11.44
C MET B 88 -8.46 -5.35 11.81
N TRP B 89 -7.61 -4.36 11.55
CA TRP B 89 -7.95 -2.96 11.81
C TRP B 89 -8.40 -2.21 10.57
N ASN B 90 -8.32 -2.83 9.40
CA ASN B 90 -8.68 -2.19 8.15
C ASN B 90 -10.20 -2.19 7.95
N PRO B 91 -10.72 -1.30 7.12
CA PRO B 91 -12.17 -1.26 6.90
C PRO B 91 -12.71 -2.59 6.40
N ASN B 92 -13.82 -3.02 7.00
CA ASN B 92 -14.52 -4.24 6.58
C ASN B 92 -15.88 -3.93 5.97
N ARG B 93 -16.15 -2.65 5.65
CA ARG B 93 -17.29 -2.23 4.87
C ARG B 93 -16.81 -1.24 3.82
N GLU B 94 -17.72 -0.80 2.95
CA GLU B 94 -17.35 0.13 1.89
C GLU B 94 -17.06 1.50 2.46
N LEU B 95 -16.05 2.17 1.89
CA LEU B 95 -15.71 3.53 2.30
C LEU B 95 -16.71 4.51 1.73
N SER B 96 -17.09 5.50 2.55
CA SER B 96 -18.01 6.55 2.11
C SER B 96 -17.95 7.70 3.12
N GLU B 97 -18.15 8.92 2.61
CA GLU B 97 -18.37 10.05 3.50
C GLU B 97 -19.73 9.97 4.20
N ASP B 98 -20.67 9.23 3.64
CA ASP B 98 -21.95 8.93 4.30
C ASP B 98 -21.70 7.85 5.33
N CYS B 99 -21.20 8.27 6.50
CA CYS B 99 -20.68 7.31 7.45
C CYS B 99 -21.08 7.54 8.89
N LEU B 100 -21.91 8.54 9.19
CA LEU B 100 -22.26 8.87 10.58
C LEU B 100 -23.44 8.00 11.02
N TYR B 101 -23.13 6.77 11.42
CA TYR B 101 -24.11 5.82 11.94
C TYR B 101 -23.58 5.23 13.24
N LEU B 102 -24.51 4.81 14.11
CA LEU B 102 -24.16 4.21 15.38
C LEU B 102 -24.88 2.88 15.54
N ASN B 103 -24.42 2.10 16.51
CA ASN B 103 -24.94 0.76 16.76
C ASN B 103 -25.32 0.64 18.22
N VAL B 104 -26.37 -0.15 18.49
CA VAL B 104 -26.86 -0.38 19.84
C VAL B 104 -27.06 -1.87 20.03
N TRP B 105 -26.35 -2.45 20.99
CA TRP B 105 -26.60 -3.81 21.44
C TRP B 105 -27.36 -3.77 22.76
N THR B 106 -28.37 -4.62 22.89
CA THR B 106 -29.16 -4.71 24.09
C THR B 106 -29.52 -6.17 24.36
N PRO B 107 -29.62 -6.57 25.62
CA PRO B 107 -29.83 -7.99 25.93
C PRO B 107 -31.22 -8.45 25.53
N TYR B 108 -31.34 -9.76 25.47
CA TYR B 108 -32.56 -10.48 25.22
C TYR B 108 -32.91 -11.34 26.45
N PRO B 109 -34.08 -11.16 27.11
CA PRO B 109 -35.11 -10.15 26.80
C PRO B 109 -34.65 -8.74 27.12
N ARG B 110 -35.25 -7.76 26.46
CA ARG B 110 -34.90 -6.36 26.72
C ARG B 110 -35.08 -6.06 28.19
N PRO B 111 -34.15 -5.34 28.81
CA PRO B 111 -34.29 -5.03 30.25
C PRO B 111 -35.53 -4.20 30.51
N THR B 112 -36.24 -4.55 31.59
CA THR B 112 -37.42 -3.82 32.00
C THR B 112 -37.10 -2.63 32.91
N SER B 113 -35.96 -2.68 33.60
CA SER B 113 -35.31 -1.69 34.44
C SER B 113 -34.25 -0.94 33.65
N PRO B 114 -34.09 0.36 33.86
CA PRO B 114 -33.01 1.10 33.20
C PRO B 114 -31.66 0.50 33.52
N THR B 115 -30.86 0.27 32.48
CA THR B 115 -29.59 -0.42 32.55
C THR B 115 -28.44 0.52 32.23
N PRO B 116 -27.33 0.44 32.95
CA PRO B 116 -26.16 1.27 32.61
C PRO B 116 -25.68 1.00 31.19
N VAL B 117 -25.19 2.05 30.55
CA VAL B 117 -24.84 2.03 29.14
C VAL B 117 -23.33 2.19 29.00
N LEU B 118 -22.72 1.31 28.20
CA LEU B 118 -21.33 1.44 27.80
C LEU B 118 -21.28 2.01 26.38
N VAL B 119 -20.43 3.00 26.16
CA VAL B 119 -20.30 3.64 24.86
C VAL B 119 -18.85 3.51 24.41
N TRP B 120 -18.64 2.87 23.26
CA TRP B 120 -17.31 2.57 22.75
C TRP B 120 -16.89 3.60 21.71
N ILE B 121 -15.66 4.09 21.82
CA ILE B 121 -15.07 4.98 20.83
C ILE B 121 -13.79 4.32 20.34
N TYR B 122 -13.79 3.88 19.08
CA TYR B 122 -12.64 3.15 18.56
C TYR B 122 -11.43 4.08 18.41
N GLY B 123 -10.24 3.47 18.43
CA GLY B 123 -9.01 4.17 18.17
C GLY B 123 -8.60 4.06 16.70
N GLY B 124 -7.35 4.44 16.45
CA GLY B 124 -6.80 4.42 15.11
C GLY B 124 -6.08 5.71 14.76
N GLY B 125 -5.49 6.34 15.76
CA GLY B 125 -4.68 7.53 15.54
C GLY B 125 -5.40 8.70 14.92
N PHE B 126 -6.73 8.75 15.05
CA PHE B 126 -7.58 9.77 14.45
C PHE B 126 -7.54 9.76 12.93
N TYR B 127 -6.94 8.74 12.31
CA TYR B 127 -6.91 8.63 10.86
C TYR B 127 -7.59 7.39 10.32
N SER B 128 -7.98 6.45 11.19
CA SER B 128 -8.59 5.21 10.75
C SER B 128 -9.52 4.70 11.85
N GLY B 129 -10.16 3.56 11.59
CA GLY B 129 -11.03 2.95 12.56
C GLY B 129 -12.47 2.85 12.08
N ALA B 130 -13.24 1.95 12.69
CA ALA B 130 -14.63 1.72 12.33
C ALA B 130 -15.31 0.94 13.44
N SER B 131 -16.57 1.27 13.71
CA SER B 131 -17.33 0.54 14.72
C SER B 131 -17.73 -0.85 14.26
N SER B 132 -17.50 -1.19 12.99
CA SER B 132 -17.92 -2.45 12.42
C SER B 132 -16.84 -3.54 12.50
N LEU B 133 -15.67 -3.24 13.04
CA LEU B 133 -14.60 -4.23 13.10
C LEU B 133 -15.03 -5.43 13.94
N ASP B 134 -14.61 -6.62 13.51
CA ASP B 134 -14.99 -7.85 14.21
C ASP B 134 -14.57 -7.82 15.67
N VAL B 135 -13.45 -7.15 15.97
CA VAL B 135 -12.92 -7.13 17.33
C VAL B 135 -13.72 -6.23 18.25
N TYR B 136 -14.62 -5.41 17.72
CA TYR B 136 -15.51 -4.58 18.52
C TYR B 136 -16.92 -5.16 18.60
N ASP B 137 -17.09 -6.43 18.27
CA ASP B 137 -18.40 -7.08 18.33
C ASP B 137 -18.91 -7.09 19.77
N GLY B 138 -20.02 -6.39 20.01
CA GLY B 138 -20.54 -6.22 21.34
C GLY B 138 -21.51 -7.27 21.82
N ARG B 139 -21.69 -8.38 21.10
CA ARG B 139 -22.70 -9.35 21.49
C ARG B 139 -22.32 -10.10 22.76
N PHE B 140 -21.03 -10.37 22.96
CA PHE B 140 -20.62 -11.18 24.11
C PHE B 140 -20.63 -10.36 25.39
N LEU B 141 -20.21 -9.10 25.32
CA LEU B 141 -20.23 -8.25 26.51
C LEU B 141 -21.65 -7.98 26.98
N VAL B 142 -22.57 -7.78 26.04
CA VAL B 142 -23.96 -7.50 26.40
C VAL B 142 -24.65 -8.74 26.94
N GLN B 143 -24.36 -9.91 26.36
CA GLN B 143 -24.97 -11.14 26.84
C GLN B 143 -24.47 -11.49 28.24
N ALA B 144 -23.15 -11.44 28.44
CA ALA B 144 -22.57 -11.93 29.69
C ALA B 144 -22.89 -11.01 30.87
N GLU B 145 -22.95 -9.71 30.64
CA GLU B 145 -23.09 -8.74 31.71
C GLU B 145 -24.40 -7.98 31.67
N ARG B 146 -25.26 -8.25 30.68
CA ARG B 146 -26.60 -7.66 30.59
C ARG B 146 -26.53 -6.13 30.70
N THR B 147 -25.54 -5.54 30.05
CA THR B 147 -25.43 -4.10 29.90
C THR B 147 -25.90 -3.71 28.49
N VAL B 148 -26.03 -2.40 28.28
CA VAL B 148 -26.35 -1.85 26.97
C VAL B 148 -25.08 -1.23 26.40
N LEU B 149 -24.74 -1.60 25.16
CA LEU B 149 -23.53 -1.15 24.51
C LEU B 149 -23.88 -0.31 23.28
N VAL B 150 -23.24 0.84 23.15
CA VAL B 150 -23.39 1.72 22.00
C VAL B 150 -22.02 2.02 21.44
N SER B 151 -21.91 2.03 20.11
CA SER B 151 -20.68 2.44 19.44
C SER B 151 -21.07 3.25 18.20
N MET B 152 -20.27 4.27 17.90
CA MET B 152 -20.56 5.16 16.79
C MET B 152 -19.36 5.24 15.85
N ASN B 153 -19.64 5.65 14.61
CA ASN B 153 -18.60 6.04 13.67
C ASN B 153 -18.41 7.55 13.77
N TYR B 154 -17.16 7.98 13.61
CA TYR B 154 -16.86 9.40 13.57
C TYR B 154 -15.81 9.65 12.50
N ARG B 155 -15.85 10.84 11.91
CA ARG B 155 -14.97 11.17 10.80
C ARG B 155 -13.52 11.18 11.26
N VAL B 156 -12.64 10.56 10.47
CA VAL B 156 -11.22 10.50 10.77
C VAL B 156 -10.44 11.14 9.63
N GLY B 157 -9.15 11.36 9.86
CA GLY B 157 -8.30 11.96 8.85
C GLY B 157 -8.69 13.41 8.58
N ALA B 158 -8.45 13.84 7.34
CA ALA B 158 -8.77 15.21 6.96
C ALA B 158 -10.27 15.49 7.09
N PHE B 159 -11.11 14.48 6.83
CA PHE B 159 -12.55 14.68 6.89
C PHE B 159 -13.03 14.96 8.30
N GLY B 160 -12.25 14.59 9.32
CA GLY B 160 -12.65 14.82 10.69
C GLY B 160 -11.83 15.87 11.42
N PHE B 161 -10.59 16.10 10.99
CA PHE B 161 -9.69 16.95 11.77
C PHE B 161 -8.82 17.89 10.94
N LEU B 162 -9.06 18.00 9.63
CA LEU B 162 -8.49 19.09 8.86
C LEU B 162 -8.95 20.41 9.45
N ALA B 163 -8.02 21.28 9.80
CA ALA B 163 -8.36 22.51 10.50
C ALA B 163 -7.62 23.69 9.91
N LEU B 164 -8.38 24.73 9.53
CA LEU B 164 -7.87 26.07 9.31
C LEU B 164 -8.36 26.92 10.47
N PRO B 165 -7.61 27.00 11.57
CA PRO B 165 -8.16 27.59 12.80
C PRO B 165 -8.63 29.02 12.60
N GLY B 166 -9.71 29.36 13.31
CA GLY B 166 -10.35 30.65 13.17
C GLY B 166 -11.34 30.74 12.02
N SER B 167 -11.27 29.84 11.06
CA SER B 167 -12.17 29.86 9.92
C SER B 167 -13.51 29.19 10.29
N ARG B 168 -14.49 29.40 9.41
CA ARG B 168 -15.79 28.77 9.59
C ARG B 168 -16.04 27.65 8.60
N GLU B 169 -15.27 27.57 7.51
CA GLU B 169 -15.44 26.48 6.55
C GLU B 169 -14.75 25.20 7.02
N ALA B 170 -13.69 25.33 7.81
CA ALA B 170 -12.96 24.17 8.34
C ALA B 170 -12.49 24.49 9.75
N PRO B 171 -13.40 24.49 10.72
CA PRO B 171 -13.02 24.87 12.09
C PRO B 171 -12.17 23.84 12.79
N GLY B 172 -12.21 22.58 12.38
CA GLY B 172 -11.49 21.51 13.04
C GLY B 172 -12.32 20.84 14.12
N ASN B 173 -11.81 19.70 14.57
CA ASN B 173 -12.38 18.89 15.65
C ASN B 173 -13.77 18.36 15.34
N VAL B 174 -14.22 18.44 14.08
CA VAL B 174 -15.57 17.99 13.75
C VAL B 174 -15.74 16.50 14.00
N GLY B 175 -14.64 15.73 13.96
CA GLY B 175 -14.73 14.33 14.32
C GLY B 175 -15.09 14.14 15.78
N LEU B 176 -14.55 15.01 16.66
CA LEU B 176 -14.96 14.98 18.06
C LEU B 176 -16.40 15.42 18.23
N LEU B 177 -16.85 16.37 17.41
CA LEU B 177 -18.26 16.76 17.45
C LEU B 177 -19.17 15.65 16.98
N ASP B 178 -18.72 14.82 16.03
CA ASP B 178 -19.48 13.64 15.65
C ASP B 178 -19.74 12.75 16.87
N GLN B 179 -18.70 12.50 17.67
CA GLN B 179 -18.86 11.68 18.86
C GLN B 179 -19.82 12.33 19.86
N ARG B 180 -19.72 13.65 20.03
CA ARG B 180 -20.61 14.35 20.95
C ARG B 180 -22.06 14.23 20.52
N LEU B 181 -22.33 14.41 19.23
CA LEU B 181 -23.69 14.24 18.73
C LEU B 181 -24.19 12.83 18.98
N ALA B 182 -23.32 11.83 18.85
CA ALA B 182 -23.72 10.46 19.18
C ALA B 182 -24.04 10.32 20.66
N LEU B 183 -23.32 11.05 21.52
CA LEU B 183 -23.61 11.01 22.94
C LEU B 183 -24.92 11.72 23.27
N GLN B 184 -25.20 12.82 22.58
CA GLN B 184 -26.51 13.46 22.70
C GLN B 184 -27.61 12.54 22.22
N TRP B 185 -27.35 11.74 21.18
CA TRP B 185 -28.32 10.75 20.72
C TRP B 185 -28.58 9.70 21.78
N VAL B 186 -27.54 9.30 22.52
CA VAL B 186 -27.72 8.30 23.58
C VAL B 186 -28.61 8.85 24.68
N GLN B 187 -28.43 10.13 25.02
CA GLN B 187 -29.26 10.72 26.07
C GLN B 187 -30.73 10.72 25.69
N GLU B 188 -31.04 10.95 24.41
CA GLU B 188 -32.41 11.12 23.97
C GLU B 188 -33.08 9.82 23.54
N ASN B 189 -32.33 8.75 23.30
CA ASN B 189 -32.92 7.56 22.71
C ASN B 189 -32.53 6.24 23.36
N VAL B 190 -31.50 6.18 24.22
CA VAL B 190 -31.06 4.89 24.73
C VAL B 190 -32.09 4.27 25.66
N ALA B 191 -33.04 5.07 26.18
CA ALA B 191 -34.08 4.51 27.04
C ALA B 191 -34.99 3.57 26.26
N ALA B 192 -35.21 3.84 24.97
CA ALA B 192 -36.06 2.98 24.15
C ALA B 192 -35.50 1.57 24.03
N PHE B 193 -34.20 1.38 24.28
CA PHE B 193 -33.57 0.08 24.25
C PHE B 193 -33.41 -0.53 25.64
N GLY B 194 -33.96 0.13 26.67
CA GLY B 194 -33.78 -0.32 28.03
C GLY B 194 -32.56 0.21 28.73
N GLY B 195 -31.95 1.27 28.21
CA GLY B 195 -30.73 1.82 28.76
C GLY B 195 -30.98 3.03 29.64
N ASP B 196 -30.11 3.21 30.63
CA ASP B 196 -30.24 4.29 31.59
C ASP B 196 -29.38 5.47 31.14
N PRO B 197 -29.97 6.57 30.65
CA PRO B 197 -29.16 7.72 30.25
C PRO B 197 -28.49 8.45 31.42
N THR B 198 -28.80 8.09 32.66
CA THR B 198 -28.12 8.66 33.82
C THR B 198 -26.92 7.84 34.28
N SER B 199 -26.61 6.74 33.57
CA SER B 199 -25.47 5.88 33.89
C SER B 199 -24.79 5.50 32.56
N VAL B 200 -24.02 6.44 32.01
CA VAL B 200 -23.36 6.26 30.73
C VAL B 200 -21.85 6.25 30.96
N THR B 201 -21.19 5.15 30.60
CA THR B 201 -19.76 4.98 30.78
C THR B 201 -19.06 5.00 29.42
N LEU B 202 -18.22 6.00 29.19
CA LEU B 202 -17.39 6.05 28.01
C LEU B 202 -16.23 5.07 28.16
N PHE B 203 -15.84 4.44 27.05
CA PHE B 203 -14.59 3.70 27.02
C PHE B 203 -14.08 3.56 25.60
N GLY B 204 -12.76 3.68 25.45
CA GLY B 204 -12.10 3.67 24.16
C GLY B 204 -10.65 3.32 24.32
N GLU B 205 -10.01 3.09 23.19
CA GLU B 205 -8.61 2.67 23.15
C GLU B 205 -7.82 3.58 22.21
N SER B 206 -6.56 3.82 22.56
CA SER B 206 -5.67 4.67 21.79
C SER B 206 -6.31 6.03 21.54
N ALA B 207 -6.50 6.38 20.26
CA ALA B 207 -7.13 7.65 19.93
C ALA B 207 -8.56 7.73 20.45
N GLY B 208 -9.20 6.58 20.67
CA GLY B 208 -10.50 6.60 21.33
C GLY B 208 -10.39 6.95 22.80
N ALA B 209 -9.34 6.47 23.47
CA ALA B 209 -9.10 6.86 24.85
C ALA B 209 -8.76 8.34 24.96
N ALA B 210 -7.96 8.86 24.02
CA ALA B 210 -7.71 10.30 23.97
C ALA B 210 -9.01 11.08 23.76
N SER B 211 -9.90 10.55 22.91
CA SER B 211 -11.20 11.19 22.71
C SER B 211 -12.00 11.23 23.99
N VAL B 212 -12.04 10.10 24.71
CA VAL B 212 -12.71 10.05 26.00
C VAL B 212 -12.14 11.12 26.93
N GLY B 213 -10.81 11.26 26.95
CA GLY B 213 -10.20 12.27 27.79
C GLY B 213 -10.57 13.69 27.38
N MET B 214 -10.65 13.93 26.07
CA MET B 214 -11.02 15.26 25.59
C MET B 214 -12.49 15.58 25.89
N HIS B 215 -13.33 14.56 25.97
CA HIS B 215 -14.72 14.80 26.39
C HIS B 215 -14.80 15.14 27.87
N LEU B 216 -13.91 14.57 28.68
CA LEU B 216 -13.84 14.95 30.09
C LEU B 216 -13.49 16.43 30.24
N LEU B 217 -12.64 16.94 29.35
CA LEU B 217 -12.13 18.31 29.45
C LEU B 217 -12.94 19.31 28.64
N SER B 218 -14.03 18.89 28.00
CA SER B 218 -14.90 19.79 27.26
C SER B 218 -16.24 19.90 27.98
N PRO B 219 -16.61 21.08 28.48
CA PRO B 219 -17.86 21.22 29.25
C PRO B 219 -19.09 20.75 28.50
N PRO B 220 -19.28 21.11 27.21
CA PRO B 220 -20.50 20.65 26.52
C PRO B 220 -20.64 19.14 26.46
N SER B 221 -19.54 18.39 26.53
CA SER B 221 -19.60 16.94 26.51
C SER B 221 -19.66 16.33 27.89
N ARG B 222 -19.20 17.06 28.92
CA ARG B 222 -19.06 16.47 30.25
C ARG B 222 -20.42 16.06 30.82
N GLY B 223 -21.48 16.79 30.48
CA GLY B 223 -22.81 16.46 30.96
C GLY B 223 -23.48 15.29 30.28
N LEU B 224 -22.86 14.69 29.28
CA LEU B 224 -23.45 13.60 28.52
C LEU B 224 -23.02 12.22 29.01
N PHE B 225 -22.13 12.15 29.99
CA PHE B 225 -21.68 10.87 30.52
C PHE B 225 -21.27 11.06 31.99
N HIS B 226 -20.99 9.95 32.66
CA HIS B 226 -20.73 9.97 34.08
C HIS B 226 -19.46 9.24 34.51
N ARG B 227 -18.95 8.31 33.70
CA ARG B 227 -17.71 7.61 34.00
C ARG B 227 -16.90 7.49 32.72
N ALA B 228 -15.60 7.21 32.88
CA ALA B 228 -14.68 7.17 31.76
C ALA B 228 -13.72 6.02 31.92
N VAL B 229 -13.36 5.39 30.80
CA VAL B 229 -12.34 4.36 30.74
C VAL B 229 -11.40 4.71 29.59
N LEU B 230 -10.12 4.88 29.90
CA LEU B 230 -9.10 5.24 28.92
C LEU B 230 -8.10 4.09 28.82
N GLN B 231 -8.16 3.36 27.70
CA GLN B 231 -7.30 2.20 27.48
C GLN B 231 -6.18 2.61 26.51
N SER B 232 -4.95 2.66 27.02
CA SER B 232 -3.75 2.89 26.21
C SER B 232 -3.82 4.21 25.44
N GLY B 233 -4.22 5.27 26.12
CA GLY B 233 -4.30 6.56 25.46
C GLY B 233 -4.75 7.63 26.44
N ALA B 234 -4.43 8.87 26.07
CA ALA B 234 -4.71 10.02 26.91
C ALA B 234 -4.71 11.27 26.03
N PRO B 235 -5.50 12.29 26.36
CA PRO B 235 -5.52 13.50 25.53
C PRO B 235 -4.25 14.31 25.62
N ASN B 236 -3.42 14.11 26.64
CA ASN B 236 -2.19 14.87 26.80
C ASN B 236 -0.99 14.23 26.11
N GLY B 237 -1.19 13.13 25.39
CA GLY B 237 -0.13 12.51 24.62
C GLY B 237 0.43 13.44 23.55
N PRO B 238 1.72 13.29 23.23
CA PRO B 238 2.33 14.18 22.24
C PRO B 238 1.78 14.00 20.82
N TRP B 239 0.97 12.99 20.58
CA TRP B 239 0.39 12.72 19.27
C TRP B 239 -1.08 13.11 19.16
N ALA B 240 -1.76 13.36 20.29
CA ALA B 240 -3.20 13.51 20.28
C ALA B 240 -3.67 14.91 19.90
N THR B 241 -2.79 15.91 19.94
CA THR B 241 -3.18 17.27 19.61
C THR B 241 -2.07 17.94 18.81
N VAL B 242 -2.42 19.05 18.15
CA VAL B 242 -1.47 19.88 17.43
C VAL B 242 -1.86 21.35 17.67
N GLY B 243 -0.90 22.23 17.42
CA GLY B 243 -1.15 23.65 17.55
C GLY B 243 -1.83 24.23 16.33
N MET B 244 -2.37 25.44 16.50
CA MET B 244 -3.11 26.09 15.43
C MET B 244 -2.21 26.33 14.22
N GLY B 245 -0.98 26.79 14.45
CA GLY B 245 -0.08 27.05 13.33
C GLY B 245 0.30 25.78 12.59
N GLU B 246 0.53 24.69 13.32
CA GLU B 246 0.90 23.44 12.67
C GLU B 246 -0.30 22.83 11.94
N ALA B 247 -1.49 22.94 12.52
CA ALA B 247 -2.69 22.47 11.83
C ALA B 247 -2.94 23.23 10.54
N ARG B 248 -2.66 24.54 10.55
CA ARG B 248 -2.83 25.34 9.34
C ARG B 248 -1.81 24.96 8.28
N ARG B 249 -0.58 24.66 8.69
CA ARG B 249 0.45 24.28 7.72
C ARG B 249 0.13 22.93 7.08
N ARG B 250 -0.35 21.97 7.87
CA ARG B 250 -0.70 20.67 7.32
C ARG B 250 -1.90 20.77 6.39
N ALA B 251 -2.90 21.58 6.78
CA ALA B 251 -4.07 21.76 5.92
C ALA B 251 -3.67 22.41 4.59
N THR B 252 -2.74 23.37 4.63
CA THR B 252 -2.36 24.07 3.41
C THR B 252 -1.54 23.18 2.49
N GLN B 253 -0.66 22.36 3.05
CA GLN B 253 0.15 21.48 2.20
C GLN B 253 -0.69 20.38 1.57
N LEU B 254 -1.69 19.88 2.29
CA LEU B 254 -2.61 18.93 1.66
C LEU B 254 -3.33 19.56 0.49
N ALA B 255 -3.80 20.80 0.65
CA ALA B 255 -4.40 21.51 -0.46
C ALA B 255 -3.41 21.65 -1.62
N HIS B 256 -2.16 21.98 -1.31
CA HIS B 256 -1.15 22.11 -2.37
C HIS B 256 -0.93 20.79 -3.09
N LEU B 257 -0.92 19.68 -2.35
CA LEU B 257 -0.64 18.38 -2.96
C LEU B 257 -1.77 17.92 -3.88
N VAL B 258 -2.98 18.43 -3.71
CA VAL B 258 -4.11 18.08 -4.56
C VAL B 258 -4.47 19.22 -5.50
N GLY B 259 -3.56 20.19 -5.68
CA GLY B 259 -3.79 21.25 -6.65
C GLY B 259 -4.70 22.37 -6.19
N CYS B 260 -4.72 22.68 -4.89
CA CYS B 260 -5.52 23.78 -4.37
C CYS B 260 -4.59 24.79 -3.70
N PRO B 261 -4.71 26.09 -4.01
CA PRO B 261 -5.62 26.60 -5.03
C PRO B 261 -5.04 26.46 -6.43
N PRO B 262 -5.88 26.56 -7.46
CA PRO B 262 -5.37 26.51 -8.83
C PRO B 262 -4.37 27.62 -9.10
N GLY B 263 -3.42 27.33 -9.98
CA GLY B 263 -2.36 28.28 -10.30
C GLY B 263 -2.88 29.62 -10.79
N GLY B 264 -2.63 30.67 -10.01
CA GLY B 264 -3.15 31.99 -10.30
C GLY B 264 -4.31 32.42 -9.43
N THR B 265 -4.62 31.68 -8.37
CA THR B 265 -5.74 31.97 -7.48
C THR B 265 -5.18 32.29 -6.09
N GLY B 266 -5.82 33.24 -5.41
CA GLY B 266 -5.44 33.57 -4.05
C GLY B 266 -5.61 32.39 -3.11
N GLY B 267 -5.28 32.57 -1.84
CA GLY B 267 -5.35 31.45 -0.92
C GLY B 267 -5.94 31.74 0.45
N ASN B 268 -6.99 32.56 0.52
CA ASN B 268 -7.65 32.72 1.81
C ASN B 268 -8.43 31.45 2.15
N ASP B 269 -8.88 31.37 3.40
CA ASP B 269 -9.39 30.11 3.94
C ASP B 269 -10.62 29.62 3.17
N THR B 270 -11.48 30.56 2.74
CA THR B 270 -12.70 30.16 2.06
C THR B 270 -12.39 29.59 0.67
N GLU B 271 -11.51 30.24 -0.08
CA GLU B 271 -11.15 29.69 -1.38
C GLU B 271 -10.42 28.35 -1.24
N LEU B 272 -9.66 28.17 -0.15
CA LEU B 272 -8.90 26.94 0.01
C LEU B 272 -9.81 25.76 0.30
N VAL B 273 -10.75 25.94 1.23
CA VAL B 273 -11.69 24.87 1.54
C VAL B 273 -12.63 24.60 0.38
N ALA B 274 -12.99 25.64 -0.38
CA ALA B 274 -13.90 25.45 -1.52
C ALA B 274 -13.29 24.53 -2.56
N CYS B 275 -12.02 24.77 -2.93
CA CYS B 275 -11.31 23.87 -3.84
C CYS B 275 -11.17 22.49 -3.21
N LEU B 276 -10.95 22.44 -1.89
CA LEU B 276 -10.78 21.17 -1.21
C LEU B 276 -12.04 20.33 -1.28
N ARG B 277 -13.21 20.98 -1.24
CA ARG B 277 -14.47 20.24 -1.27
C ARG B 277 -14.81 19.70 -2.65
N THR B 278 -14.14 20.14 -3.71
CA THR B 278 -14.38 19.63 -5.05
C THR B 278 -13.59 18.37 -5.37
N ARG B 279 -12.58 18.04 -4.57
CA ARG B 279 -11.75 16.88 -4.83
C ARG B 279 -12.46 15.60 -4.36
N PRO B 280 -12.31 14.50 -5.09
CA PRO B 280 -12.81 13.22 -4.60
C PRO B 280 -12.16 12.86 -3.27
N ALA B 281 -12.94 12.19 -2.41
CA ALA B 281 -12.46 11.88 -1.07
C ALA B 281 -11.20 11.03 -1.11
N GLN B 282 -11.11 10.10 -2.06
CA GLN B 282 -9.92 9.25 -2.15
C GLN B 282 -8.68 10.05 -2.51
N VAL B 283 -8.83 11.15 -3.25
CA VAL B 283 -7.69 11.99 -3.61
C VAL B 283 -7.07 12.60 -2.35
N LEU B 284 -7.91 13.05 -1.42
CA LEU B 284 -7.38 13.59 -0.16
C LEU B 284 -6.69 12.51 0.65
N VAL B 285 -7.27 11.31 0.70
CA VAL B 285 -6.67 10.22 1.47
C VAL B 285 -5.30 9.86 0.91
N ASN B 286 -5.13 9.91 -0.41
CA ASN B 286 -3.91 9.45 -1.05
C ASN B 286 -2.70 10.33 -0.77
N HIS B 287 -2.89 11.49 -0.11
CA HIS B 287 -1.78 12.39 0.20
C HIS B 287 -1.73 12.71 1.70
N GLU B 288 -2.42 11.93 2.53
CA GLU B 288 -2.56 12.29 3.93
C GLU B 288 -1.23 12.21 4.67
N TRP B 289 -0.43 11.17 4.40
CA TRP B 289 0.81 10.97 5.13
C TRP B 289 1.92 11.91 4.66
N HIS B 290 1.76 12.54 3.50
CA HIS B 290 2.80 13.38 2.93
C HIS B 290 2.82 14.79 3.51
N VAL B 291 2.10 15.03 4.61
CA VAL B 291 2.10 16.34 5.25
C VAL B 291 2.75 16.31 6.63
N LEU B 292 3.19 15.15 7.09
CA LEU B 292 3.90 15.10 8.36
C LEU B 292 5.25 15.81 8.23
N PRO B 293 5.70 16.51 9.27
CA PRO B 293 6.91 17.31 9.15
C PRO B 293 8.21 16.50 9.14
N GLN B 294 8.20 15.27 9.66
CA GLN B 294 9.44 14.50 9.79
C GLN B 294 9.17 13.03 9.56
N GLU B 295 10.26 12.27 9.48
CA GLU B 295 10.18 10.82 9.62
C GLU B 295 9.85 10.50 11.07
N SER B 296 8.85 9.63 11.27
CA SER B 296 8.31 9.47 12.61
C SER B 296 7.61 8.12 12.72
N VAL B 297 7.38 7.71 13.96
CA VAL B 297 6.39 6.69 14.30
C VAL B 297 5.49 7.28 15.37
N PHE B 298 4.25 6.79 15.43
CA PHE B 298 3.28 7.26 16.42
C PHE B 298 2.97 8.74 16.24
N ARG B 299 2.97 9.22 14.99
CA ARG B 299 2.56 10.57 14.65
C ARG B 299 1.55 10.53 13.51
N PHE B 300 0.52 11.36 13.59
CA PHE B 300 -0.58 11.32 12.64
C PHE B 300 -0.91 12.72 12.16
N SER B 301 -1.38 12.82 10.92
CA SER B 301 -1.42 14.10 10.22
C SER B 301 -2.52 15.01 10.79
N PHE B 302 -3.73 14.49 10.90
CA PHE B 302 -4.90 15.29 11.26
C PHE B 302 -5.49 14.75 12.57
N VAL B 303 -5.24 15.49 13.65
CA VAL B 303 -5.68 15.10 14.99
C VAL B 303 -6.37 16.32 15.60
N PRO B 304 -7.01 16.19 16.77
CA PRO B 304 -7.68 17.37 17.37
C PRO B 304 -6.74 18.55 17.52
N VAL B 305 -7.29 19.74 17.31
CA VAL B 305 -6.53 20.99 17.36
C VAL B 305 -6.88 21.73 18.64
N VAL B 306 -5.89 22.44 19.18
CA VAL B 306 -6.08 23.28 20.36
C VAL B 306 -6.39 24.68 19.84
N ASP B 307 -7.68 24.97 19.65
CA ASP B 307 -8.11 26.21 19.03
C ASP B 307 -8.84 27.15 19.98
N GLY B 308 -9.19 26.70 21.17
CA GLY B 308 -9.94 27.51 22.12
C GLY B 308 -11.42 27.25 22.15
N ASP B 309 -11.94 26.41 21.24
CA ASP B 309 -13.37 26.13 21.17
C ASP B 309 -13.69 24.84 21.90
N PHE B 310 -13.51 23.69 21.23
CA PHE B 310 -13.76 22.41 21.87
C PHE B 310 -12.87 22.21 23.10
N LEU B 311 -11.64 22.72 23.05
CA LEU B 311 -10.71 22.69 24.17
C LEU B 311 -10.37 24.12 24.55
N SER B 312 -10.75 24.52 25.77
CA SER B 312 -10.46 25.88 26.23
C SER B 312 -8.96 26.16 26.22
N ASP B 313 -8.14 25.15 26.48
CA ASP B 313 -6.70 25.28 26.53
C ASP B 313 -6.10 23.96 26.09
N THR B 314 -4.79 23.81 26.26
CA THR B 314 -4.15 22.53 26.00
C THR B 314 -4.74 21.48 26.94
N PRO B 315 -4.77 20.22 26.54
CA PRO B 315 -5.20 19.17 27.47
C PRO B 315 -4.40 19.16 28.76
N GLU B 316 -3.09 19.45 28.69
CA GLU B 316 -2.28 19.49 29.90
C GLU B 316 -2.74 20.58 30.86
N ALA B 317 -3.02 21.77 30.33
CA ALA B 317 -3.46 22.87 31.19
C ALA B 317 -4.82 22.57 31.81
N LEU B 318 -5.76 22.04 31.04
CA LEU B 318 -7.09 21.76 31.56
C LEU B 318 -7.08 20.60 32.55
N ILE B 319 -6.13 19.67 32.40
CA ILE B 319 -6.03 18.58 33.37
C ILE B 319 -5.55 19.10 34.71
N ASN B 320 -4.56 20.00 34.70
CA ASN B 320 -4.00 20.51 35.95
C ASN B 320 -5.00 21.38 36.69
N ALA B 321 -5.75 22.22 35.98
CA ALA B 321 -6.70 23.14 36.59
C ALA B 321 -8.09 22.55 36.71
N GLY B 322 -8.23 21.24 36.62
CA GLY B 322 -9.55 20.60 36.57
C GLY B 322 -10.01 20.12 37.93
N ASP B 323 -11.31 20.27 38.18
CA ASP B 323 -11.98 19.70 39.34
C ASP B 323 -12.73 18.46 38.90
N PHE B 324 -12.33 17.30 39.42
CA PHE B 324 -12.88 16.02 38.98
C PHE B 324 -13.59 15.30 40.12
N HIS B 325 -14.12 16.05 41.09
CA HIS B 325 -14.88 15.43 42.16
C HIS B 325 -16.17 14.84 41.62
N GLY B 326 -16.52 13.64 42.09
CA GLY B 326 -17.70 12.96 41.60
C GLY B 326 -17.51 12.22 40.30
N LEU B 327 -16.27 11.88 39.95
CA LEU B 327 -15.95 11.21 38.70
C LEU B 327 -15.14 9.96 38.99
N GLN B 328 -15.52 8.85 38.36
CA GLN B 328 -14.78 7.60 38.44
C GLN B 328 -14.14 7.30 37.09
N VAL B 329 -12.85 7.03 37.09
CA VAL B 329 -12.11 6.75 35.86
C VAL B 329 -11.35 5.45 36.01
N LEU B 330 -11.30 4.67 34.94
CA LEU B 330 -10.50 3.46 34.86
C LEU B 330 -9.52 3.62 33.71
N VAL B 331 -8.22 3.57 34.01
CA VAL B 331 -7.18 3.75 33.01
C VAL B 331 -6.24 2.56 33.06
N GLY B 332 -5.45 2.41 32.01
CA GLY B 332 -4.51 1.31 31.95
C GLY B 332 -3.73 1.30 30.66
N VAL B 333 -2.80 0.34 30.57
CA VAL B 333 -1.92 0.19 29.43
C VAL B 333 -1.68 -1.30 29.21
N VAL B 334 -1.08 -1.63 28.08
CA VAL B 334 -0.62 -2.98 27.81
C VAL B 334 0.86 -3.07 28.18
N LYS B 335 1.38 -4.30 28.20
CA LYS B 335 2.75 -4.50 28.68
C LYS B 335 3.79 -3.94 27.72
N ASP B 336 3.52 -3.93 26.41
CA ASP B 336 4.48 -3.52 25.40
C ASP B 336 3.82 -2.50 24.46
N GLU B 337 3.72 -1.26 24.92
CA GLU B 337 2.96 -0.25 24.20
C GLU B 337 3.64 0.17 22.90
N GLY B 338 4.98 0.09 22.84
CA GLY B 338 5.69 0.68 21.72
C GLY B 338 6.08 -0.28 20.61
N SER B 339 6.03 -1.59 20.88
CA SER B 339 6.60 -2.55 19.94
C SER B 339 5.85 -2.54 18.61
N TYR B 340 4.55 -2.29 18.62
CA TYR B 340 3.75 -2.30 17.40
C TYR B 340 4.23 -1.26 16.40
N PHE B 341 4.62 -0.08 16.90
CA PHE B 341 4.91 1.05 16.04
C PHE B 341 6.33 1.02 15.47
N LEU B 342 7.20 0.14 15.96
CA LEU B 342 8.59 0.16 15.54
C LEU B 342 8.76 -0.34 14.11
N VAL B 343 7.85 -1.19 13.63
CA VAL B 343 7.96 -1.75 12.29
C VAL B 343 7.42 -0.77 11.27
N TYR B 344 7.06 0.44 11.71
CA TYR B 344 6.51 1.46 10.84
C TYR B 344 7.49 2.62 10.63
N GLY B 345 8.80 2.35 10.69
CA GLY B 345 9.75 3.40 10.41
C GLY B 345 11.08 3.33 11.15
N ALA B 346 11.14 2.59 12.24
CA ALA B 346 12.38 2.49 13.00
C ALA B 346 13.38 1.60 12.25
N PRO B 347 14.63 2.05 12.08
CA PRO B 347 15.58 1.28 11.28
C PRO B 347 15.91 -0.07 11.90
N GLY B 348 16.05 -1.08 11.04
CA GLY B 348 16.42 -2.42 11.47
C GLY B 348 15.27 -3.28 11.97
N PHE B 349 14.04 -2.78 11.97
CA PHE B 349 12.92 -3.51 12.52
C PHE B 349 12.11 -4.19 11.42
N SER B 350 11.69 -5.42 11.69
CA SER B 350 10.89 -6.20 10.78
C SER B 350 10.02 -7.16 11.59
N LYS B 351 8.75 -7.30 11.20
CA LYS B 351 7.89 -8.25 11.88
C LYS B 351 8.24 -9.69 11.55
N ASP B 352 9.04 -9.93 10.52
CA ASP B 352 9.34 -11.27 10.05
C ASP B 352 10.74 -11.74 10.45
N ASN B 353 11.45 -11.00 11.29
CA ASN B 353 12.67 -11.50 11.92
C ASN B 353 12.66 -11.05 13.38
N GLU B 354 13.78 -11.26 14.07
CA GLU B 354 13.87 -10.93 15.48
C GLU B 354 14.13 -9.46 15.74
N SER B 355 14.44 -8.68 14.70
CA SER B 355 14.72 -7.25 14.83
C SER B 355 15.78 -6.98 15.88
N LEU B 356 16.85 -7.78 15.87
CA LEU B 356 17.98 -7.58 16.77
C LEU B 356 18.81 -6.43 16.22
N ILE B 357 18.44 -5.22 16.62
CA ILE B 357 19.02 -4.03 16.02
C ILE B 357 20.41 -3.77 16.59
N SER B 358 21.19 -2.99 15.85
CA SER B 358 22.51 -2.58 16.28
C SER B 358 22.42 -1.32 17.15
N ARG B 359 23.55 -0.94 17.73
CA ARG B 359 23.61 0.30 18.49
C ARG B 359 23.36 1.51 17.60
N ALA B 360 23.91 1.49 16.38
CA ALA B 360 23.67 2.61 15.47
C ALA B 360 22.20 2.71 15.09
N GLU B 361 21.54 1.57 14.87
CA GLU B 361 20.12 1.59 14.56
C GLU B 361 19.29 2.07 15.75
N PHE B 362 19.73 1.78 16.97
CA PHE B 362 19.02 2.24 18.15
C PHE B 362 19.08 3.77 18.26
N LEU B 363 20.27 4.35 18.06
CA LEU B 363 20.42 5.79 18.16
C LEU B 363 19.63 6.50 17.06
N ALA B 364 19.59 5.92 15.86
CA ALA B 364 18.77 6.49 14.79
C ALA B 364 17.28 6.34 15.11
N GLY B 365 16.89 5.21 15.70
CA GLY B 365 15.50 5.00 16.03
C GLY B 365 14.98 5.94 17.09
N VAL B 366 15.85 6.40 18.00
CA VAL B 366 15.43 7.34 19.02
C VAL B 366 14.95 8.64 18.39
N ARG B 367 15.61 9.08 17.32
CA ARG B 367 15.19 10.29 16.63
C ARG B 367 13.86 10.09 15.91
N VAL B 368 13.60 8.88 15.44
CA VAL B 368 12.32 8.58 14.80
C VAL B 368 11.22 8.40 15.86
N GLY B 369 11.56 7.77 16.99
CA GLY B 369 10.58 7.59 18.04
C GLY B 369 10.29 8.86 18.82
N VAL B 370 11.27 9.75 18.91
CA VAL B 370 11.07 11.04 19.58
C VAL B 370 11.35 12.15 18.58
N PRO B 371 10.41 12.46 17.68
CA PRO B 371 10.72 13.40 16.60
C PRO B 371 10.76 14.85 17.07
N GLN B 372 11.61 15.63 16.42
CA GLN B 372 11.75 17.08 16.65
C GLN B 372 12.00 17.41 18.12
N VAL B 373 13.12 16.89 18.62
CA VAL B 373 13.70 17.34 19.88
C VAL B 373 15.17 17.63 19.60
N SER B 374 15.76 18.44 20.47
CA SER B 374 17.16 18.81 20.30
C SER B 374 18.05 17.57 20.41
N ASP B 375 19.26 17.69 19.84
CA ASP B 375 20.23 16.61 19.96
C ASP B 375 20.57 16.32 21.42
N LEU B 376 20.56 17.35 22.26
CA LEU B 376 20.78 17.13 23.69
C LEU B 376 19.62 16.38 24.32
N ALA B 377 18.40 16.68 23.88
CA ALA B 377 17.24 15.94 24.38
C ALA B 377 17.33 14.47 24.01
N ALA B 378 17.75 14.17 22.79
CA ALA B 378 17.92 12.77 22.40
C ALA B 378 19.00 12.09 23.24
N GLU B 379 20.09 12.82 23.55
CA GLU B 379 21.13 12.25 24.38
C GLU B 379 20.60 11.90 25.76
N ALA B 380 19.72 12.74 26.31
CA ALA B 380 19.11 12.42 27.59
C ALA B 380 18.25 11.17 27.48
N VAL B 381 17.53 11.01 26.36
CA VAL B 381 16.74 9.81 26.16
C VAL B 381 17.63 8.58 26.06
N VAL B 382 18.75 8.70 25.33
CA VAL B 382 19.68 7.58 25.20
C VAL B 382 20.29 7.22 26.54
N LEU B 383 20.58 8.23 27.38
CA LEU B 383 21.16 7.95 28.69
C LEU B 383 20.21 7.14 29.57
N HIS B 384 18.93 7.52 29.59
N HIS B 384 18.93 7.51 29.59
CA HIS B 384 18.00 6.84 30.49
CA HIS B 384 17.98 6.86 30.48
C HIS B 384 17.66 5.44 30.01
C HIS B 384 17.59 5.47 30.00
N TYR B 385 17.67 5.21 28.70
CA TYR B 385 17.21 3.96 28.12
C TYR B 385 18.35 3.06 27.64
N THR B 386 19.59 3.36 28.02
CA THR B 386 20.71 2.47 27.73
C THR B 386 21.08 1.72 29.00
N ASP B 387 21.25 0.40 28.88
CA ASP B 387 21.88 -0.40 29.93
C ASP B 387 23.39 -0.29 29.72
N TRP B 388 24.05 0.50 30.55
CA TRP B 388 25.47 0.78 30.34
C TRP B 388 26.37 -0.37 30.76
N LEU B 389 25.81 -1.47 31.27
CA LEU B 389 26.56 -2.71 31.41
C LEU B 389 26.46 -3.58 30.18
N HIS B 390 25.43 -3.39 29.35
CA HIS B 390 25.29 -4.09 28.07
C HIS B 390 24.82 -3.09 27.02
N PRO B 391 25.64 -2.07 26.72
CA PRO B 391 25.15 -0.96 25.89
C PRO B 391 24.95 -1.31 24.43
N GLU B 392 25.34 -2.50 24.00
CA GLU B 392 25.22 -2.87 22.59
C GLU B 392 24.56 -4.23 22.38
N ASP B 393 23.96 -4.80 23.41
CA ASP B 393 23.21 -6.04 23.25
C ASP B 393 21.97 -5.78 22.39
N PRO B 394 21.84 -6.43 21.23
CA PRO B 394 20.69 -6.12 20.36
C PRO B 394 19.33 -6.36 21.01
N ALA B 395 19.17 -7.46 21.75
CA ALA B 395 17.87 -7.74 22.36
C ALA B 395 17.49 -6.66 23.38
N ARG B 396 18.47 -6.17 24.14
CA ARG B 396 18.19 -5.11 25.10
C ARG B 396 17.89 -3.79 24.40
N LEU B 397 18.59 -3.51 23.30
CA LEU B 397 18.31 -2.29 22.55
C LEU B 397 16.94 -2.34 21.88
N ARG B 398 16.51 -3.54 21.47
CA ARG B 398 15.18 -3.68 20.87
C ARG B 398 14.09 -3.37 21.88
N GLU B 399 14.20 -3.92 23.09
CA GLU B 399 13.23 -3.64 24.13
C GLU B 399 13.34 -2.20 24.62
N ALA B 400 14.54 -1.62 24.58
CA ALA B 400 14.71 -0.25 25.03
C ALA B 400 13.97 0.73 24.13
N LEU B 401 14.15 0.60 22.81
CA LEU B 401 13.45 1.48 21.89
C LEU B 401 11.94 1.28 21.97
N SER B 402 11.50 0.05 22.22
CA SER B 402 10.08 -0.18 22.48
C SER B 402 9.62 0.59 23.71
N ASP B 403 10.45 0.64 24.76
CA ASP B 403 10.10 1.39 25.95
C ASP B 403 10.11 2.89 25.68
N VAL B 404 11.08 3.36 24.88
CA VAL B 404 11.14 4.78 24.55
C VAL B 404 9.84 5.22 23.90
N VAL B 405 9.40 4.49 22.88
CA VAL B 405 8.19 4.86 22.15
C VAL B 405 6.95 4.69 23.02
N GLY B 406 6.88 3.59 23.77
CA GLY B 406 5.72 3.34 24.60
C GLY B 406 5.58 4.31 25.75
N ASP B 407 6.68 4.57 26.48
CA ASP B 407 6.62 5.50 27.60
C ASP B 407 6.32 6.91 27.13
N HIS B 408 6.99 7.35 26.06
CA HIS B 408 6.82 8.73 25.59
C HIS B 408 5.39 8.97 25.09
N ASN B 409 4.78 7.97 24.46
CA ASN B 409 3.49 8.17 23.81
C ASN B 409 2.29 7.72 24.63
N VAL B 410 2.42 6.70 25.47
CA VAL B 410 1.26 6.11 26.12
C VAL B 410 1.41 6.10 27.64
N VAL B 411 2.40 5.37 28.14
CA VAL B 411 2.46 5.05 29.57
C VAL B 411 2.58 6.32 30.41
N CYS B 412 3.50 7.20 30.03
CA CYS B 412 3.74 8.37 30.86
C CYS B 412 2.67 9.45 30.69
N PRO B 413 2.11 9.68 29.49
CA PRO B 413 0.93 10.54 29.42
C PRO B 413 -0.25 10.00 30.22
N VAL B 414 -0.43 8.67 30.24
CA VAL B 414 -1.52 8.08 30.99
C VAL B 414 -1.27 8.21 32.50
N ALA B 415 -0.06 7.86 32.93
CA ALA B 415 0.26 7.97 34.36
C ALA B 415 0.17 9.42 34.84
N GLN B 416 0.56 10.37 34.00
CA GLN B 416 0.42 11.77 34.37
C GLN B 416 -1.04 12.14 34.54
N LEU B 417 -1.90 11.72 33.61
CA LEU B 417 -3.32 12.01 33.73
C LEU B 417 -3.92 11.33 34.96
N ALA B 418 -3.55 10.08 35.21
CA ALA B 418 -4.12 9.33 36.33
C ALA B 418 -3.77 9.99 37.66
N GLY B 419 -2.55 10.52 37.79
CA GLY B 419 -2.15 11.14 39.04
C GLY B 419 -2.90 12.44 39.30
N ARG B 420 -2.98 13.30 38.29
CA ARG B 420 -3.71 14.55 38.46
C ARG B 420 -5.20 14.32 38.69
N LEU B 421 -5.77 13.28 38.09
CA LEU B 421 -7.19 12.99 38.30
C LEU B 421 -7.46 12.59 39.74
N ALA B 422 -6.69 11.61 40.25
CA ALA B 422 -6.90 11.12 41.60
C ALA B 422 -6.65 12.21 42.63
N ALA B 423 -5.64 13.05 42.39
CA ALA B 423 -5.28 14.11 43.34
C ALA B 423 -6.24 15.29 43.29
N GLN B 424 -7.14 15.35 42.32
CA GLN B 424 -8.04 16.49 42.17
C GLN B 424 -9.51 16.08 42.18
N GLY B 425 -9.84 15.00 42.87
CA GLY B 425 -11.22 14.65 43.18
C GLY B 425 -11.72 13.37 42.59
N ALA B 426 -11.06 12.83 41.57
CA ALA B 426 -11.57 11.65 40.87
C ALA B 426 -11.13 10.37 41.56
N ARG B 427 -12.02 9.37 41.55
CA ARG B 427 -11.67 8.02 41.99
C ARG B 427 -11.16 7.25 40.77
N VAL B 428 -9.92 6.78 40.85
CA VAL B 428 -9.21 6.25 39.69
C VAL B 428 -8.78 4.82 39.97
N TYR B 429 -8.90 3.96 38.97
CA TYR B 429 -8.39 2.59 39.00
C TYR B 429 -7.46 2.38 37.81
N ALA B 430 -6.34 1.72 38.04
CA ALA B 430 -5.31 1.55 37.03
C ALA B 430 -4.97 0.07 36.87
N TYR B 431 -4.60 -0.32 35.65
CA TYR B 431 -4.25 -1.68 35.33
C TYR B 431 -3.09 -1.70 34.35
N VAL B 432 -2.45 -2.86 34.24
CA VAL B 432 -1.51 -3.15 33.17
C VAL B 432 -1.85 -4.54 32.64
N PHE B 433 -2.12 -4.61 31.33
CA PHE B 433 -2.55 -5.84 30.68
C PHE B 433 -1.32 -6.62 30.22
N GLU B 434 -1.14 -7.83 30.75
CA GLU B 434 0.09 -8.58 30.57
C GLU B 434 -0.11 -9.97 29.98
N HIS B 435 -1.29 -10.27 29.44
CA HIS B 435 -1.52 -11.56 28.79
C HIS B 435 -1.42 -11.40 27.28
N ARG B 436 -0.56 -12.21 26.66
CA ARG B 436 -0.43 -12.25 25.21
C ARG B 436 -1.36 -13.33 24.67
N ALA B 437 -2.26 -12.94 23.76
CA ALA B 437 -3.23 -13.88 23.22
C ALA B 437 -2.54 -15.06 22.57
N SER B 438 -3.08 -16.26 22.79
CA SER B 438 -2.53 -17.46 22.17
C SER B 438 -2.64 -17.40 20.64
N THR B 439 -3.61 -16.66 20.13
CA THR B 439 -3.88 -16.55 18.70
C THR B 439 -3.12 -15.41 18.04
N LEU B 440 -2.23 -14.74 18.77
CA LEU B 440 -1.63 -13.51 18.27
C LEU B 440 -0.71 -13.78 17.09
N SER B 441 -0.92 -13.05 15.99
CA SER B 441 -0.17 -13.27 14.76
C SER B 441 1.09 -12.42 14.67
N TRP B 442 1.19 -11.34 15.45
CA TRP B 442 2.42 -10.55 15.49
C TRP B 442 3.55 -11.39 16.11
N PRO B 443 4.80 -11.07 15.81
CA PRO B 443 5.92 -11.88 16.30
C PRO B 443 5.99 -11.88 17.82
N LEU B 444 6.76 -12.85 18.34
CA LEU B 444 6.85 -13.02 19.79
C LEU B 444 7.60 -11.87 20.45
N TRP B 445 8.59 -11.27 19.78
CA TRP B 445 9.36 -10.21 20.42
C TRP B 445 8.54 -8.96 20.67
N MET B 446 7.36 -8.83 20.05
CA MET B 446 6.50 -7.69 20.31
C MET B 446 5.77 -7.80 21.64
N GLY B 447 5.73 -8.98 22.24
CA GLY B 447 5.12 -9.13 23.55
C GLY B 447 3.61 -8.97 23.49
N VAL B 448 3.10 -8.06 24.30
CA VAL B 448 1.68 -7.73 24.33
C VAL B 448 1.51 -6.37 23.66
N PRO B 449 1.28 -6.32 22.35
CA PRO B 449 1.36 -5.05 21.63
C PRO B 449 0.16 -4.17 21.90
N HIS B 450 0.31 -2.91 21.49
CA HIS B 450 -0.74 -1.91 21.60
C HIS B 450 -2.02 -2.36 20.91
N GLY B 451 -3.11 -2.43 21.68
CA GLY B 451 -4.42 -2.71 21.13
C GLY B 451 -4.91 -4.14 21.27
N TYR B 452 -4.12 -5.04 21.87
CA TYR B 452 -4.48 -6.44 21.93
C TYR B 452 -5.03 -6.87 23.29
N GLU B 453 -5.53 -5.91 24.07
CA GLU B 453 -6.45 -6.21 25.17
C GLU B 453 -7.91 -6.08 24.75
N ILE B 454 -8.18 -5.44 23.62
CA ILE B 454 -9.55 -5.13 23.22
C ILE B 454 -10.35 -6.42 23.02
N GLU B 455 -9.75 -7.41 22.35
CA GLU B 455 -10.47 -8.63 22.03
C GLU B 455 -10.87 -9.38 23.29
N PHE B 456 -10.15 -9.18 24.39
CA PHE B 456 -10.54 -9.82 25.64
C PHE B 456 -11.60 -9.02 26.39
N ILE B 457 -11.55 -7.69 26.29
CA ILE B 457 -12.58 -6.86 26.91
C ILE B 457 -13.93 -7.12 26.27
N PHE B 458 -13.95 -7.38 24.96
CA PHE B 458 -15.19 -7.60 24.23
C PHE B 458 -15.61 -9.07 24.21
N GLY B 459 -14.91 -9.94 24.94
CA GLY B 459 -15.31 -11.33 25.03
C GLY B 459 -15.17 -12.12 23.75
N ILE B 460 -14.29 -11.69 22.84
CA ILE B 460 -14.10 -12.42 21.58
C ILE B 460 -13.72 -13.88 21.79
N PRO B 461 -12.91 -14.25 22.83
CA PRO B 461 -12.62 -15.68 23.03
C PRO B 461 -13.84 -16.57 23.16
N LEU B 462 -15.01 -15.99 23.46
CA LEU B 462 -16.23 -16.79 23.56
C LEU B 462 -16.77 -17.21 22.20
N ASP B 463 -16.30 -16.60 21.12
CA ASP B 463 -16.72 -16.98 19.77
C ASP B 463 -16.33 -18.44 19.49
N PRO B 464 -17.29 -19.32 19.22
CA PRO B 464 -16.95 -20.73 18.99
C PRO B 464 -16.12 -20.95 17.74
N SER B 465 -16.13 -20.02 16.79
CA SER B 465 -15.36 -20.17 15.56
C SER B 465 -13.88 -19.82 15.73
N ARG B 466 -13.45 -19.44 16.93
CA ARG B 466 -12.06 -19.06 17.17
C ARG B 466 -11.37 -20.12 18.03
N ASN B 467 -10.04 -20.08 18.02
CA ASN B 467 -9.24 -21.12 18.65
C ASN B 467 -8.58 -20.62 19.94
N TYR B 468 -9.34 -19.93 20.77
CA TYR B 468 -8.83 -19.51 22.07
C TYR B 468 -8.84 -20.68 23.04
N THR B 469 -8.00 -20.58 24.08
CA THR B 469 -7.93 -21.61 25.10
C THR B 469 -9.11 -21.49 26.06
N ALA B 470 -9.32 -22.55 26.85
CA ALA B 470 -10.38 -22.53 27.86
C ALA B 470 -10.05 -21.52 28.95
N GLU B 471 -8.78 -21.39 29.24
CA GLU B 471 -8.29 -20.46 30.24
C GLU B 471 -8.52 -19.01 29.78
N GLU B 472 -8.32 -18.73 28.48
CA GLU B 472 -8.56 -17.39 27.96
C GLU B 472 -10.04 -17.01 27.98
N LYS B 473 -10.93 -17.98 27.88
CA LYS B 473 -12.37 -17.67 27.95
C LYS B 473 -12.77 -17.25 29.36
N ILE B 474 -12.30 -17.98 30.37
CA ILE B 474 -12.53 -17.57 31.75
C ILE B 474 -11.93 -16.20 32.01
N PHE B 475 -10.75 -15.94 31.45
CA PHE B 475 -10.09 -14.65 31.62
C PHE B 475 -10.92 -13.54 30.99
N ALA B 476 -11.52 -13.79 29.82
CA ALA B 476 -12.36 -12.78 29.18
C ALA B 476 -13.59 -12.47 30.02
N GLN B 477 -14.20 -13.50 30.62
CA GLN B 477 -15.35 -13.26 31.48
C GLN B 477 -14.97 -12.43 32.71
N ARG B 478 -13.77 -12.65 33.24
CA ARG B 478 -13.28 -11.82 34.35
C ARG B 478 -13.21 -10.36 33.96
N LEU B 479 -12.60 -10.07 32.79
CA LEU B 479 -12.43 -8.69 32.37
C LEU B 479 -13.77 -8.04 32.05
N MET B 480 -14.70 -8.80 31.46
CA MET B 480 -16.03 -8.25 31.19
C MET B 480 -16.76 -7.92 32.48
N ARG B 481 -16.57 -8.74 33.52
CA ARG B 481 -17.15 -8.42 34.82
C ARG B 481 -16.53 -7.17 35.40
N TYR B 482 -15.20 -7.02 35.30
CA TYR B 482 -14.53 -5.81 35.77
C TYR B 482 -15.11 -4.57 35.10
N TRP B 483 -15.15 -4.57 33.76
CA TRP B 483 -15.61 -3.39 33.03
C TRP B 483 -17.07 -3.09 33.31
N ALA B 484 -17.90 -4.13 33.43
CA ALA B 484 -19.33 -3.91 33.68
C ALA B 484 -19.57 -3.46 35.12
N ASN B 485 -18.83 -4.03 36.08
CA ASN B 485 -18.93 -3.56 37.46
C ASN B 485 -18.60 -2.08 37.56
N PHE B 486 -17.55 -1.65 36.84
CA PHE B 486 -17.21 -0.23 36.84
C PHE B 486 -18.31 0.61 36.21
N ALA B 487 -18.92 0.11 35.13
CA ALA B 487 -20.01 0.84 34.50
C ALA B 487 -21.22 0.94 35.42
N ARG B 488 -21.50 -0.14 36.17
CA ARG B 488 -22.65 -0.15 37.06
C ARG B 488 -22.43 0.71 38.29
N THR B 489 -21.30 0.52 38.99
CA THR B 489 -21.07 1.11 40.30
C THR B 489 -19.92 2.08 40.37
N GLY B 490 -19.11 2.23 39.32
CA GLY B 490 -17.90 3.01 39.43
C GLY B 490 -16.76 2.29 40.12
N ASP B 491 -16.91 1.00 40.38
CA ASP B 491 -15.94 0.19 41.10
C ASP B 491 -15.81 -1.16 40.41
N PRO B 492 -14.61 -1.51 39.91
CA PRO B 492 -14.47 -2.79 39.20
C PRO B 492 -14.58 -4.00 40.11
N ASN B 493 -14.43 -3.83 41.42
CA ASN B 493 -14.50 -4.96 42.34
C ASN B 493 -15.91 -5.49 42.46
N GLU B 494 -16.03 -6.79 42.68
CA GLU B 494 -17.32 -7.42 42.88
C GLU B 494 -17.95 -6.89 44.16
N PRO B 495 -19.15 -6.29 44.10
CA PRO B 495 -19.63 -5.51 45.26
C PRO B 495 -19.88 -6.34 46.51
N ARG B 496 -20.10 -7.64 46.41
CA ARG B 496 -20.32 -8.47 47.60
C ARG B 496 -19.59 -9.80 47.45
N ASP B 497 -18.38 -9.74 46.88
CA ASP B 497 -17.52 -10.91 46.74
C ASP B 497 -16.15 -10.57 47.29
N PRO B 498 -15.89 -10.87 48.57
CA PRO B 498 -14.53 -10.71 49.13
C PRO B 498 -13.61 -11.90 48.88
N LYS B 499 -14.08 -12.93 48.17
CA LYS B 499 -13.20 -14.05 47.82
C LYS B 499 -12.05 -13.58 46.94
N ALA B 500 -12.36 -12.82 45.88
CA ALA B 500 -11.35 -12.45 44.91
C ALA B 500 -10.42 -11.36 45.46
N PRO B 501 -9.15 -11.38 45.06
CA PRO B 501 -8.26 -10.27 45.41
C PRO B 501 -8.86 -8.93 44.96
N GLN B 502 -8.69 -7.92 45.81
CA GLN B 502 -9.34 -6.64 45.59
C GLN B 502 -8.45 -5.72 44.76
N TRP B 503 -9.10 -4.85 43.98
CA TRP B 503 -8.47 -3.88 43.10
C TRP B 503 -8.45 -2.53 43.80
N PRO B 504 -7.32 -2.11 44.37
CA PRO B 504 -7.29 -0.84 45.11
C PRO B 504 -7.29 0.35 44.16
N PRO B 505 -7.88 1.47 44.57
CA PRO B 505 -7.84 2.67 43.73
C PRO B 505 -6.41 3.16 43.51
N TYR B 506 -6.25 3.95 42.46
CA TYR B 506 -4.97 4.57 42.14
C TYR B 506 -4.91 5.95 42.79
N THR B 507 -3.83 6.21 43.52
CA THR B 507 -3.63 7.48 44.18
C THR B 507 -2.32 8.10 43.73
N ALA B 508 -2.24 9.43 43.86
CA ALA B 508 -1.02 10.13 43.47
C ALA B 508 0.17 9.73 44.33
N GLY B 509 -0.06 9.26 45.55
CA GLY B 509 1.02 8.85 46.43
C GLY B 509 1.40 7.39 46.29
N ALA B 510 0.45 6.49 46.58
CA ALA B 510 0.75 5.07 46.55
C ALA B 510 0.90 4.56 45.12
N GLN B 511 0.15 5.13 44.17
CA GLN B 511 0.25 4.76 42.75
C GLN B 511 0.04 3.27 42.53
N GLN B 512 -1.05 2.75 43.10
CA GLN B 512 -1.33 1.33 43.04
C GLN B 512 -2.10 0.98 41.77
N TYR B 513 -1.71 -0.13 41.16
CA TYR B 513 -2.39 -0.69 40.00
C TYR B 513 -2.32 -2.20 40.12
N VAL B 514 -3.07 -2.91 39.27
CA VAL B 514 -3.11 -4.36 39.31
C VAL B 514 -2.72 -4.93 37.96
N SER B 515 -2.23 -6.16 37.98
CA SER B 515 -1.88 -6.90 36.77
C SER B 515 -3.09 -7.68 36.26
N LEU B 516 -3.30 -7.62 34.96
CA LEU B 516 -4.41 -8.32 34.31
C LEU B 516 -3.82 -9.43 33.43
N ASP B 517 -3.86 -10.66 33.92
CA ASP B 517 -3.43 -11.82 33.16
C ASP B 517 -4.22 -13.03 33.66
N LEU B 518 -3.75 -14.23 33.27
CA LEU B 518 -4.45 -15.45 33.67
C LEU B 518 -4.39 -15.69 35.17
N ARG B 519 -3.35 -15.17 35.84
CA ARG B 519 -3.24 -15.32 37.28
C ARG B 519 -4.23 -14.40 37.98
N PRO B 520 -4.52 -14.65 39.26
CA PRO B 520 -5.35 -13.72 40.03
C PRO B 520 -4.71 -12.34 40.11
N LEU B 521 -5.51 -11.37 40.55
CA LEU B 521 -5.06 -9.99 40.62
C LEU B 521 -3.85 -9.87 41.55
N GLU B 522 -2.87 -9.09 41.11
CA GLU B 522 -1.68 -8.77 41.90
C GLU B 522 -1.49 -7.26 41.89
N VAL B 523 -1.26 -6.69 43.06
CA VAL B 523 -1.15 -5.25 43.21
C VAL B 523 0.31 -4.83 43.12
N ARG B 524 0.57 -3.78 42.33
CA ARG B 524 1.90 -3.21 42.19
C ARG B 524 1.81 -1.70 42.37
N ARG B 525 2.97 -1.05 42.49
CA ARG B 525 3.03 0.37 42.75
C ARG B 525 3.92 1.05 41.71
N GLY B 526 3.40 2.11 41.10
CA GLY B 526 4.17 2.90 40.15
C GLY B 526 4.09 2.43 38.71
N LEU B 527 3.52 3.24 37.84
CA LEU B 527 3.47 2.94 36.40
C LEU B 527 4.72 3.52 35.75
N ARG B 528 5.82 2.79 35.89
CA ARG B 528 7.12 3.23 35.39
C ARG B 528 7.48 4.61 35.93
N ALA B 529 7.48 4.71 37.27
CA ALA B 529 7.65 6.01 37.92
C ALA B 529 8.98 6.65 37.58
N GLN B 530 10.05 5.84 37.50
CA GLN B 530 11.36 6.39 37.19
C GLN B 530 11.41 6.93 35.76
N ALA B 531 10.97 6.12 34.80
CA ALA B 531 11.01 6.56 33.41
C ALA B 531 10.06 7.72 33.17
N CYS B 532 8.90 7.72 33.83
CA CYS B 532 7.93 8.78 33.60
C CYS B 532 8.30 10.09 34.30
N ALA B 533 9.17 10.04 35.32
CA ALA B 533 9.69 11.28 35.86
C ALA B 533 10.59 11.99 34.85
N PHE B 534 11.29 11.23 34.01
CA PHE B 534 12.11 11.83 32.97
C PHE B 534 11.25 12.53 31.92
N TRP B 535 10.18 11.88 31.48
CA TRP B 535 9.34 12.48 30.43
C TRP B 535 8.49 13.63 30.98
N ASN B 536 7.93 13.45 32.18
CA ASN B 536 6.96 14.40 32.70
C ASN B 536 7.59 15.54 33.51
N ARG B 537 8.81 15.38 34.01
CA ARG B 537 9.41 16.39 34.87
C ARG B 537 10.66 17.01 34.28
N PHE B 538 11.65 16.20 33.88
CA PHE B 538 12.94 16.77 33.50
C PHE B 538 12.95 17.21 32.04
N LEU B 539 12.50 16.34 31.13
CA LEU B 539 12.59 16.66 29.70
C LEU B 539 11.93 17.98 29.32
N PRO B 540 10.76 18.37 29.86
CA PRO B 540 10.26 19.72 29.58
C PRO B 540 11.22 20.82 29.99
N LYS B 541 11.84 20.71 31.16
CA LYS B 541 12.83 21.70 31.59
C LYS B 541 14.04 21.72 30.66
N LEU B 542 14.38 20.56 30.09
CA LEU B 542 15.55 20.49 29.22
C LEU B 542 15.29 21.23 27.90
N LEU B 543 14.06 21.16 27.39
CA LEU B 543 13.76 21.82 26.12
C LEU B 543 13.51 23.31 26.27
N SER B 544 13.01 23.74 27.44
CA SER B 544 12.79 25.17 27.67
C SER B 544 14.12 25.90 27.77
N ALA B 545 15.14 25.24 28.34
CA ALA B 545 16.50 25.77 28.34
C ALA B 545 17.25 25.49 27.05
N THR B 546 16.60 24.84 26.07
CA THR B 546 17.19 24.52 24.77
C THR B 546 18.50 23.75 24.91
#